data_9OIL
#
_entry.id   9OIL
#
_entity_poly.entity_id   1
_entity_poly.type   'polypeptide(L)'
_entity_poly.pdbx_seq_one_letter_code
;EYHLMNGANGYLTRVNGKYVYRVTKDPVSAVFGVISNGWGSAGAGFGPQH
;
_entity_poly.pdbx_strand_id   A
#
# COMPACT_ATOMS: atom_id res chain seq x y z
N GLU A 1 -23.29 -11.76 23.31
CA GLU A 1 -22.02 -11.26 23.89
C GLU A 1 -21.97 -9.74 23.83
N TYR A 2 -20.85 -9.18 24.27
CA TYR A 2 -20.67 -7.74 24.27
C TYR A 2 -19.35 -7.35 23.61
N HIS A 3 -19.35 -6.24 22.89
CA HIS A 3 -18.14 -5.79 22.21
C HIS A 3 -17.03 -5.50 23.21
N LEU A 4 -17.42 -5.08 24.41
CA LEU A 4 -16.45 -4.77 25.46
C LEU A 4 -15.71 -6.02 25.90
N MET A 5 -16.43 -7.13 25.94
CA MET A 5 -15.85 -8.41 26.35
C MET A 5 -14.71 -8.83 25.45
N ASN A 6 -14.93 -8.77 24.15
CA ASN A 6 -13.90 -9.14 23.17
C ASN A 6 -13.96 -8.25 21.95
N GLY A 7 -15.18 -7.89 21.55
CA GLY A 7 -15.35 -7.03 20.40
C GLY A 7 -15.96 -7.77 19.22
N ALA A 8 -17.25 -7.55 18.98
CA ALA A 8 -17.96 -8.20 17.88
C ALA A 8 -17.37 -7.78 16.54
N ASN A 9 -17.31 -8.72 15.61
CA ASN A 9 -16.78 -8.46 14.28
C ASN A 9 -15.38 -7.85 14.35
N GLY A 10 -14.55 -8.42 15.21
CA GLY A 10 -13.19 -7.92 15.36
C GLY A 10 -12.22 -8.58 14.39
N TYR A 11 -12.04 -9.89 14.54
CA TYR A 11 -11.13 -10.64 13.69
C TYR A 11 -11.64 -10.67 12.25
N LEU A 12 -12.95 -10.78 12.09
CA LEU A 12 -13.56 -10.83 10.76
C LEU A 12 -13.27 -9.55 9.98
N THR A 13 -13.39 -8.41 10.66
CA THR A 13 -13.13 -7.12 10.03
C THR A 13 -11.68 -7.01 9.57
N ARG A 14 -10.77 -7.51 10.39
CA ARG A 14 -9.34 -7.46 10.08
C ARG A 14 -8.97 -8.41 8.94
N VAL A 15 -9.93 -9.23 8.51
CA VAL A 15 -9.68 -10.17 7.43
C VAL A 15 -9.26 -9.41 6.18
N ASN A 16 -9.90 -8.27 5.95
CA ASN A 16 -9.60 -7.45 4.78
C ASN A 16 -8.21 -6.86 4.87
N GLY A 17 -7.67 -6.76 6.08
CA GLY A 17 -6.34 -6.21 6.27
C GLY A 17 -5.28 -7.03 5.57
N LYS A 18 -5.42 -8.35 5.65
CA LYS A 18 -4.46 -9.26 5.02
C LYS A 18 -4.46 -9.08 3.50
N TYR A 19 -5.65 -8.90 2.93
CA TYR A 19 -5.78 -8.72 1.49
C TYR A 19 -5.11 -7.42 1.05
N VAL A 20 -5.27 -6.37 1.86
CA VAL A 20 -4.68 -5.07 1.55
C VAL A 20 -3.16 -5.16 1.51
N TYR A 21 -2.59 -5.85 2.49
CA TYR A 21 -1.15 -6.02 2.58
C TYR A 21 -0.61 -6.69 1.33
N ARG A 22 -1.26 -7.78 0.93
CA ARG A 22 -0.85 -8.53 -0.25
C ARG A 22 -0.93 -7.66 -1.50
N VAL A 23 -2.00 -6.88 -1.60
CA VAL A 23 -2.19 -6.00 -2.75
C VAL A 23 -1.08 -4.97 -2.84
N THR A 24 -0.75 -4.37 -1.70
CA THR A 24 0.31 -3.37 -1.65
C THR A 24 1.65 -3.95 -2.07
N LYS A 25 1.94 -5.15 -1.58
CA LYS A 25 3.19 -5.83 -1.89
C LYS A 25 3.31 -6.07 -3.39
N ASP A 26 2.21 -6.43 -4.03
CA ASP A 26 2.21 -6.69 -5.47
C ASP A 26 2.55 -5.41 -6.25
N PRO A 27 3.15 -5.57 -7.45
CA PRO A 27 3.53 -4.44 -8.30
C PRO A 27 2.32 -3.67 -8.85
N VAL A 28 1.15 -4.29 -8.79
CA VAL A 28 -0.06 -3.66 -9.30
C VAL A 28 -0.34 -2.35 -8.57
N SER A 29 -0.20 -2.39 -7.24
CA SER A 29 -0.43 -1.20 -6.42
C SER A 29 0.55 -0.10 -6.78
N ALA A 30 1.80 -0.49 -7.04
CA ALA A 30 2.83 0.48 -7.39
C ALA A 30 2.47 1.20 -8.67
N VAL A 31 1.90 0.45 -9.61
CA VAL A 31 1.50 1.02 -10.89
C VAL A 31 0.43 2.07 -10.68
N PHE A 32 -0.52 1.78 -9.82
CA PHE A 32 -1.58 2.73 -9.53
C PHE A 32 -0.97 3.97 -8.91
N GLY A 33 0.00 3.76 -8.03
CA GLY A 33 0.67 4.87 -7.36
C GLY A 33 1.47 5.73 -8.33
N VAL A 34 2.23 5.09 -9.21
CA VAL A 34 3.04 5.83 -10.17
C VAL A 34 2.16 6.58 -11.15
N ILE A 35 1.18 5.88 -11.70
CA ILE A 35 0.26 6.48 -12.65
C ILE A 35 -0.55 7.61 -12.02
N SER A 36 -1.10 7.36 -10.83
CA SER A 36 -1.90 8.36 -10.13
C SER A 36 -1.05 9.55 -9.70
N ASN A 37 0.17 9.29 -9.25
CA ASN A 37 1.07 10.37 -8.82
C ASN A 37 1.41 11.29 -9.98
N GLY A 38 1.60 10.70 -11.16
CA GLY A 38 1.93 11.50 -12.33
C GLY A 38 3.41 11.82 -12.44
N TRP A 39 4.20 11.30 -11.51
CA TRP A 39 5.64 11.54 -11.52
C TRP A 39 6.41 10.23 -11.69
N GLY A 40 7.23 10.17 -12.74
CA GLY A 40 8.01 8.98 -13.00
C GLY A 40 9.48 9.18 -12.72
N SER A 41 10.12 8.15 -12.18
CA SER A 41 11.54 8.21 -11.86
C SER A 41 12.38 8.43 -13.12
N ALA A 42 11.99 7.76 -14.20
CA ALA A 42 12.70 7.88 -15.47
C ALA A 42 14.18 7.54 -15.31
N GLY A 43 14.51 6.80 -14.25
CA GLY A 43 15.89 6.42 -14.01
C GLY A 43 15.99 5.07 -13.34
N ALA A 44 15.81 5.06 -12.02
CA ALA A 44 15.88 3.82 -11.26
C ALA A 44 14.49 3.21 -11.08
N GLY A 45 13.53 4.03 -10.69
CA GLY A 45 12.18 3.54 -10.49
C GLY A 45 11.57 3.01 -11.77
N PHE A 46 11.81 3.71 -12.87
CA PHE A 46 11.28 3.30 -14.17
C PHE A 46 11.87 1.96 -14.60
N GLY A 47 11.00 1.07 -15.05
CA GLY A 47 11.44 -0.25 -15.49
C GLY A 47 11.68 -1.20 -14.33
N PRO A 48 12.27 -2.38 -14.60
CA PRO A 48 12.56 -3.38 -13.57
C PRO A 48 13.46 -2.83 -12.46
N GLN A 49 13.18 -3.25 -11.23
CA GLN A 49 13.96 -2.80 -10.09
C GLN A 49 15.41 -3.26 -10.21
N HIS A 50 15.61 -4.48 -10.67
CA HIS A 50 16.95 -5.04 -10.84
C HIS A 50 17.69 -5.09 -9.51
N GLU A 1 12.58 -2.42 29.70
CA GLU A 1 11.36 -1.74 29.19
C GLU A 1 11.68 -0.91 27.95
N TYR A 2 10.64 -0.45 27.26
CA TYR A 2 10.81 0.35 26.06
C TYR A 2 10.55 1.83 26.33
N HIS A 3 10.20 2.17 27.57
CA HIS A 3 9.93 3.55 27.92
C HIS A 3 11.16 4.40 27.64
N LEU A 4 12.32 3.90 28.07
CA LEU A 4 13.57 4.60 27.86
C LEU A 4 13.87 4.73 26.37
N MET A 5 13.53 3.69 25.62
CA MET A 5 13.77 3.67 24.18
C MET A 5 12.77 4.56 23.43
N ASN A 6 11.52 4.11 23.34
CA ASN A 6 10.49 4.88 22.64
C ASN A 6 9.27 5.14 23.53
N GLY A 7 8.86 4.13 24.29
CA GLY A 7 7.72 4.30 25.17
C GLY A 7 6.41 4.38 24.41
N ALA A 8 6.36 3.75 23.26
CA ALA A 8 5.15 3.76 22.42
C ALA A 8 4.98 2.45 21.67
N ASN A 9 3.74 2.14 21.31
CA ASN A 9 3.44 0.91 20.60
C ASN A 9 3.24 1.17 19.11
N GLY A 10 3.89 2.22 18.63
CA GLY A 10 3.78 2.58 17.23
C GLY A 10 4.28 1.48 16.32
N TYR A 11 5.40 0.86 16.70
CA TYR A 11 5.97 -0.22 15.92
C TYR A 11 5.02 -1.40 15.91
N LEU A 12 4.40 -1.64 17.05
CA LEU A 12 3.45 -2.73 17.21
C LEU A 12 2.27 -2.55 16.26
N THR A 13 1.76 -1.32 16.19
CA THR A 13 0.63 -1.01 15.32
C THR A 13 0.98 -1.30 13.87
N ARG A 14 2.19 -0.92 13.47
CA ARG A 14 2.65 -1.15 12.12
C ARG A 14 2.67 -2.63 11.79
N VAL A 15 3.10 -3.44 12.76
CA VAL A 15 3.16 -4.88 12.56
C VAL A 15 1.78 -5.43 12.23
N ASN A 16 0.77 -4.89 12.90
CA ASN A 16 -0.61 -5.32 12.70
C ASN A 16 -1.07 -5.02 11.28
N GLY A 17 -0.43 -4.04 10.65
CA GLY A 17 -0.79 -3.67 9.29
C GLY A 17 -0.12 -4.55 8.25
N LYS A 18 -0.23 -5.86 8.42
CA LYS A 18 0.36 -6.82 7.49
C LYS A 18 -0.23 -6.66 6.09
N TYR A 19 -1.53 -6.40 6.04
CA TYR A 19 -2.23 -6.22 4.77
C TYR A 19 -1.65 -5.04 4.01
N VAL A 20 -1.29 -3.99 4.74
CA VAL A 20 -0.72 -2.79 4.12
C VAL A 20 0.57 -3.12 3.38
N TYR A 21 1.43 -3.92 4.02
CA TYR A 21 2.69 -4.31 3.41
C TYR A 21 2.44 -5.11 2.14
N ARG A 22 1.44 -5.98 2.19
CA ARG A 22 1.08 -6.80 1.05
C ARG A 22 0.69 -5.93 -0.14
N VAL A 23 -0.13 -4.91 0.12
CA VAL A 23 -0.57 -4.01 -0.94
C VAL A 23 0.61 -3.26 -1.56
N THR A 24 1.49 -2.75 -0.71
CA THR A 24 2.66 -2.00 -1.19
C THR A 24 3.59 -2.88 -2.02
N LYS A 25 3.84 -4.09 -1.53
CA LYS A 25 4.70 -5.04 -2.22
C LYS A 25 4.15 -5.40 -3.60
N ASP A 26 2.83 -5.53 -3.69
CA ASP A 26 2.19 -5.90 -4.96
C ASP A 26 2.56 -4.89 -6.06
N PRO A 27 3.17 -5.34 -7.18
CA PRO A 27 3.54 -4.44 -8.29
C PRO A 27 2.35 -3.67 -8.85
N VAL A 28 1.18 -4.29 -8.83
CA VAL A 28 -0.03 -3.66 -9.35
C VAL A 28 -0.32 -2.37 -8.60
N SER A 29 -0.20 -2.41 -7.29
CA SER A 29 -0.44 -1.24 -6.46
C SER A 29 0.54 -0.13 -6.80
N ALA A 30 1.79 -0.49 -7.05
CA ALA A 30 2.81 0.47 -7.39
C ALA A 30 2.46 1.20 -8.67
N VAL A 31 1.90 0.45 -9.61
CA VAL A 31 1.50 1.02 -10.90
C VAL A 31 0.43 2.07 -10.68
N PHE A 32 -0.53 1.77 -9.83
CA PHE A 32 -1.59 2.72 -9.55
C PHE A 32 -0.98 3.97 -8.92
N GLY A 33 -0.03 3.75 -8.03
CA GLY A 33 0.64 4.86 -7.36
C GLY A 33 1.45 5.72 -8.31
N VAL A 34 2.21 5.09 -9.18
CA VAL A 34 3.04 5.82 -10.14
C VAL A 34 2.16 6.58 -11.13
N ILE A 35 1.17 5.87 -11.68
CA ILE A 35 0.27 6.48 -12.65
C ILE A 35 -0.53 7.63 -12.03
N SER A 36 -1.09 7.40 -10.85
CA SER A 36 -1.89 8.43 -10.17
C SER A 36 -1.01 9.60 -9.72
N ASN A 37 0.19 9.29 -9.23
CA ASN A 37 1.10 10.33 -8.78
C ASN A 37 1.55 11.22 -9.93
N GLY A 38 1.76 10.60 -11.09
CA GLY A 38 2.19 11.37 -12.25
C GLY A 38 3.53 12.04 -12.02
N TRP A 39 3.56 13.35 -12.20
CA TRP A 39 4.80 14.11 -12.02
C TRP A 39 4.48 15.57 -11.66
N GLY A 40 3.73 15.75 -10.57
CA GLY A 40 3.37 17.09 -10.14
C GLY A 40 4.58 17.94 -9.81
N SER A 41 5.58 17.32 -9.16
CA SER A 41 6.79 18.03 -8.78
C SER A 41 7.52 18.56 -10.02
N ALA A 42 7.57 17.76 -11.07
CA ALA A 42 8.25 18.14 -12.31
C ALA A 42 9.70 18.51 -12.06
N GLY A 43 10.42 17.65 -11.35
CA GLY A 43 11.81 17.90 -11.06
C GLY A 43 12.02 18.63 -9.74
N ALA A 44 10.94 19.12 -9.17
CA ALA A 44 10.98 19.85 -7.91
C ALA A 44 11.51 18.95 -6.79
N GLY A 45 11.13 17.68 -6.84
CA GLY A 45 11.56 16.74 -5.82
C GLY A 45 10.52 16.54 -4.73
N PHE A 46 9.32 17.07 -4.95
CA PHE A 46 8.24 16.95 -3.98
C PHE A 46 8.63 17.56 -2.65
N GLY A 47 8.59 18.89 -2.58
CA GLY A 47 8.94 19.58 -1.34
C GLY A 47 7.81 19.58 -0.34
N PRO A 48 8.05 20.14 0.86
CA PRO A 48 7.04 20.21 1.92
C PRO A 48 5.78 20.95 1.48
N GLN A 49 4.64 20.46 1.93
CA GLN A 49 3.36 21.07 1.58
C GLN A 49 3.27 22.50 2.11
N HIS A 50 3.76 22.70 3.33
CA HIS A 50 3.75 24.03 3.95
C HIS A 50 5.02 24.80 3.61
N GLU A 1 -13.03 -23.23 29.19
CA GLU A 1 -12.46 -22.01 28.55
C GLU A 1 -13.38 -21.50 27.45
N TYR A 2 -12.93 -20.49 26.71
CA TYR A 2 -13.71 -19.91 25.63
C TYR A 2 -12.90 -19.84 24.34
N HIS A 3 -13.59 -19.89 23.21
CA HIS A 3 -12.92 -19.83 21.90
C HIS A 3 -12.12 -18.53 21.77
N LEU A 4 -12.74 -17.42 22.11
CA LEU A 4 -12.07 -16.12 22.02
C LEU A 4 -10.95 -16.02 23.05
N MET A 5 -11.05 -16.79 24.12
CA MET A 5 -10.04 -16.79 25.18
C MET A 5 -8.74 -17.48 24.74
N ASN A 6 -8.79 -18.80 24.64
CA ASN A 6 -7.61 -19.58 24.24
C ASN A 6 -7.79 -20.15 22.83
N GLY A 7 -9.03 -20.22 22.36
CA GLY A 7 -9.28 -20.75 21.04
C GLY A 7 -8.60 -19.94 19.94
N ALA A 8 -8.62 -18.62 20.09
CA ALA A 8 -8.00 -17.74 19.11
C ALA A 8 -6.50 -17.95 19.05
N ASN A 9 -5.95 -17.89 17.83
CA ASN A 9 -4.52 -18.09 17.63
C ASN A 9 -3.83 -16.76 17.29
N GLY A 10 -3.05 -16.26 18.24
CA GLY A 10 -2.35 -15.01 18.03
C GLY A 10 -1.34 -15.09 16.90
N TYR A 11 -0.62 -16.20 16.83
CA TYR A 11 0.39 -16.39 15.79
C TYR A 11 -0.27 -16.34 14.42
N LEU A 12 -1.35 -17.08 14.27
CA LEU A 12 -2.08 -17.14 13.01
C LEU A 12 -2.60 -15.75 12.62
N THR A 13 -3.12 -15.03 13.60
CA THR A 13 -3.65 -13.69 13.37
C THR A 13 -2.57 -12.76 12.81
N ARG A 14 -1.39 -12.79 13.42
CA ARG A 14 -0.29 -11.96 12.99
C ARG A 14 0.16 -12.33 11.58
N VAL A 15 0.15 -13.62 11.31
CA VAL A 15 0.54 -14.12 10.00
C VAL A 15 -0.36 -13.53 8.92
N ASN A 16 -1.64 -13.39 9.26
CA ASN A 16 -2.61 -12.85 8.31
C ASN A 16 -2.25 -11.42 7.92
N GLY A 17 -1.82 -10.64 8.89
CA GLY A 17 -1.45 -9.26 8.63
C GLY A 17 -0.30 -9.14 7.65
N LYS A 18 0.67 -10.05 7.77
CA LYS A 18 1.84 -10.05 6.90
C LYS A 18 1.42 -10.22 5.43
N TYR A 19 0.49 -11.14 5.19
CA TYR A 19 0.01 -11.37 3.83
C TYR A 19 -0.69 -10.14 3.27
N VAL A 20 -1.44 -9.46 4.12
CA VAL A 20 -2.16 -8.26 3.71
C VAL A 20 -1.19 -7.17 3.25
N TYR A 21 -0.12 -6.96 4.02
CA TYR A 21 0.86 -5.96 3.68
C TYR A 21 1.54 -6.30 2.36
N ARG A 22 1.82 -7.58 2.16
CA ARG A 22 2.47 -8.04 0.95
C ARG A 22 1.60 -7.72 -0.27
N VAL A 23 0.30 -7.94 -0.14
CA VAL A 23 -0.62 -7.67 -1.23
C VAL A 23 -0.59 -6.20 -1.63
N THR A 24 -0.60 -5.32 -0.64
CA THR A 24 -0.57 -3.88 -0.89
C THR A 24 0.72 -3.48 -1.61
N LYS A 25 1.82 -4.11 -1.21
CA LYS A 25 3.12 -3.83 -1.81
C LYS A 25 3.29 -4.51 -3.18
N ASP A 26 2.25 -5.18 -3.66
CA ASP A 26 2.32 -5.86 -4.96
C ASP A 26 2.59 -4.85 -6.08
N PRO A 27 3.19 -5.31 -7.20
CA PRO A 27 3.51 -4.46 -8.35
C PRO A 27 2.30 -3.69 -8.87
N VAL A 28 1.12 -4.31 -8.77
CA VAL A 28 -0.10 -3.68 -9.25
C VAL A 28 -0.36 -2.37 -8.52
N SER A 29 -0.18 -2.39 -7.20
CA SER A 29 -0.38 -1.20 -6.39
C SER A 29 0.59 -0.09 -6.77
N ALA A 30 1.84 -0.47 -7.04
CA ALA A 30 2.85 0.50 -7.42
C ALA A 30 2.47 1.21 -8.71
N VAL A 31 1.89 0.46 -9.63
CA VAL A 31 1.47 1.02 -10.90
C VAL A 31 0.40 2.09 -10.68
N PHE A 32 -0.55 1.79 -9.82
CA PHE A 32 -1.61 2.73 -9.54
C PHE A 32 -1.01 3.97 -8.90
N GLY A 33 -0.05 3.75 -8.00
CA GLY A 33 0.61 4.86 -7.33
C GLY A 33 1.43 5.72 -8.26
N VAL A 34 2.18 5.09 -9.15
CA VAL A 34 3.02 5.82 -10.10
C VAL A 34 2.16 6.57 -11.10
N ILE A 35 1.18 5.88 -11.68
CA ILE A 35 0.30 6.48 -12.66
C ILE A 35 -0.51 7.61 -12.05
N SER A 36 -1.09 7.37 -10.88
CA SER A 36 -1.88 8.39 -10.19
C SER A 36 -1.01 9.55 -9.75
N ASN A 37 0.20 9.24 -9.30
CA ASN A 37 1.13 10.27 -8.85
C ASN A 37 1.46 11.23 -9.99
N GLY A 38 1.63 10.68 -11.19
CA GLY A 38 1.95 11.52 -12.34
C GLY A 38 3.03 10.92 -13.20
N TRP A 39 2.97 9.61 -13.41
CA TRP A 39 3.96 8.91 -14.23
C TRP A 39 5.36 9.09 -13.65
N GLY A 40 5.47 8.97 -12.33
CA GLY A 40 6.76 9.11 -11.68
C GLY A 40 7.24 10.56 -11.65
N SER A 41 8.55 10.74 -11.53
CA SER A 41 9.14 12.07 -11.49
C SER A 41 8.85 12.84 -12.77
N ALA A 42 9.03 12.17 -13.91
CA ALA A 42 8.78 12.77 -15.21
C ALA A 42 9.24 11.83 -16.33
N GLY A 43 8.96 10.54 -16.15
CA GLY A 43 9.34 9.56 -17.14
C GLY A 43 10.71 8.98 -16.89
N ALA A 44 11.45 9.56 -15.95
CA ALA A 44 12.78 9.09 -15.61
C ALA A 44 13.14 9.45 -14.17
N GLY A 45 14.04 8.67 -13.57
CA GLY A 45 14.46 8.92 -12.21
C GLY A 45 13.64 8.14 -11.20
N PHE A 46 12.36 8.45 -11.12
CA PHE A 46 11.47 7.76 -10.18
C PHE A 46 10.23 7.26 -10.89
N GLY A 47 9.71 6.12 -10.45
CA GLY A 47 8.52 5.55 -11.06
C GLY A 47 8.73 5.21 -12.53
N PRO A 48 9.78 4.44 -12.87
CA PRO A 48 10.07 4.06 -14.25
C PRO A 48 9.04 3.08 -14.80
N GLN A 49 8.84 3.13 -16.11
CA GLN A 49 7.87 2.26 -16.78
C GLN A 49 8.27 0.79 -16.63
N HIS A 50 9.57 0.53 -16.73
CA HIS A 50 10.09 -0.83 -16.61
C HIS A 50 11.38 -0.86 -15.80
N GLU A 1 17.75 11.43 12.48
CA GLU A 1 16.47 10.68 12.63
C GLU A 1 15.57 11.35 13.66
N TYR A 2 14.27 11.09 13.56
CA TYR A 2 13.30 11.67 14.49
C TYR A 2 12.40 10.59 15.07
N HIS A 3 11.96 10.80 16.31
CA HIS A 3 11.09 9.84 16.97
C HIS A 3 9.76 9.70 16.22
N LEU A 4 9.24 10.82 15.74
CA LEU A 4 7.99 10.82 15.00
C LEU A 4 8.15 10.12 13.65
N MET A 5 9.31 10.29 13.04
CA MET A 5 9.61 9.69 11.76
C MET A 5 9.52 8.16 11.75
N ASN A 6 10.19 7.53 12.71
CA ASN A 6 10.18 6.06 12.79
C ASN A 6 10.03 5.57 14.23
N GLY A 7 10.32 6.44 15.18
CA GLY A 7 10.22 6.07 16.58
C GLY A 7 8.81 5.66 16.95
N ALA A 8 7.83 6.38 16.43
CA ALA A 8 6.43 6.09 16.71
C ALA A 8 6.00 4.77 16.08
N ASN A 9 5.01 4.12 16.68
CA ASN A 9 4.52 2.84 16.18
C ASN A 9 4.09 2.97 14.73
N GLY A 10 4.62 2.09 13.89
CA GLY A 10 4.27 2.11 12.48
C GLY A 10 4.76 0.88 11.74
N TYR A 11 6.07 0.64 11.77
CA TYR A 11 6.66 -0.50 11.10
C TYR A 11 6.16 -1.81 11.72
N LEU A 12 6.05 -1.81 13.05
CA LEU A 12 5.59 -2.99 13.77
C LEU A 12 4.17 -3.36 13.35
N THR A 13 3.31 -2.35 13.22
CA THR A 13 1.93 -2.55 12.83
C THR A 13 1.85 -3.22 11.46
N ARG A 14 2.66 -2.76 10.53
CA ARG A 14 2.68 -3.31 9.19
C ARG A 14 3.14 -4.76 9.23
N VAL A 15 4.09 -5.03 10.10
CA VAL A 15 4.62 -6.38 10.26
C VAL A 15 3.50 -7.32 10.68
N ASN A 16 2.61 -6.81 11.53
CA ASN A 16 1.48 -7.61 12.03
C ASN A 16 0.57 -8.04 10.88
N GLY A 17 0.36 -7.14 9.92
CA GLY A 17 -0.49 -7.45 8.79
C GLY A 17 0.01 -8.64 8.00
N LYS A 18 1.33 -8.70 7.78
CA LYS A 18 1.95 -9.79 7.03
C LYS A 18 1.37 -9.89 5.62
N TYR A 19 0.29 -10.66 5.47
CA TYR A 19 -0.36 -10.85 4.18
C TYR A 19 -0.83 -9.52 3.60
N VAL A 20 -1.50 -8.72 4.43
CA VAL A 20 -1.99 -7.42 3.99
C VAL A 20 -0.85 -6.52 3.54
N TYR A 21 0.23 -6.51 4.30
CA TYR A 21 1.39 -5.69 3.98
C TYR A 21 1.94 -6.07 2.61
N ARG A 22 2.11 -7.38 2.39
CA ARG A 22 2.63 -7.88 1.13
C ARG A 22 1.73 -7.47 -0.03
N VAL A 23 0.41 -7.58 0.20
CA VAL A 23 -0.56 -7.23 -0.83
C VAL A 23 -0.43 -5.76 -1.22
N THR A 24 -0.29 -4.90 -0.22
CA THR A 24 -0.15 -3.46 -0.44
C THR A 24 1.11 -3.13 -1.24
N LYS A 25 2.19 -3.85 -0.93
CA LYS A 25 3.46 -3.64 -1.60
C LYS A 25 3.53 -4.35 -2.96
N ASP A 26 2.42 -4.94 -3.40
CA ASP A 26 2.40 -5.64 -4.69
C ASP A 26 2.72 -4.69 -5.84
N PRO A 27 3.38 -5.19 -6.91
CA PRO A 27 3.73 -4.36 -8.07
C PRO A 27 2.53 -3.67 -8.71
N VAL A 28 1.38 -4.32 -8.67
CA VAL A 28 0.16 -3.76 -9.24
C VAL A 28 -0.20 -2.44 -8.56
N SER A 29 -0.13 -2.43 -7.24
CA SER A 29 -0.45 -1.24 -6.48
C SER A 29 0.52 -0.12 -6.81
N ALA A 30 1.78 -0.50 -7.07
CA ALA A 30 2.81 0.48 -7.40
C ALA A 30 2.45 1.20 -8.67
N VAL A 31 1.89 0.47 -9.62
CA VAL A 31 1.48 1.03 -10.89
C VAL A 31 0.42 2.08 -10.68
N PHE A 32 -0.53 1.78 -9.81
CA PHE A 32 -1.59 2.73 -9.53
C PHE A 32 -0.98 3.98 -8.90
N GLY A 33 -0.02 3.76 -8.01
CA GLY A 33 0.65 4.87 -7.34
C GLY A 33 1.46 5.73 -8.30
N VAL A 34 2.21 5.10 -9.18
CA VAL A 34 3.03 5.83 -10.14
C VAL A 34 2.17 6.58 -11.13
N ILE A 35 1.18 5.88 -11.69
CA ILE A 35 0.28 6.48 -12.66
C ILE A 35 -0.53 7.62 -12.03
N SER A 36 -1.09 7.37 -10.86
CA SER A 36 -1.88 8.38 -10.16
C SER A 36 -1.01 9.55 -9.71
N ASN A 37 0.19 9.23 -9.26
CA ASN A 37 1.12 10.28 -8.81
C ASN A 37 1.49 11.22 -9.96
N GLY A 38 1.67 10.64 -11.14
CA GLY A 38 2.03 11.44 -12.30
C GLY A 38 0.97 12.47 -12.66
N TRP A 39 -0.30 12.08 -12.56
CA TRP A 39 -1.41 12.97 -12.88
C TRP A 39 -1.30 13.47 -14.32
N GLY A 40 -2.18 14.37 -14.71
CA GLY A 40 -2.17 14.91 -16.05
C GLY A 40 -1.78 16.37 -16.09
N SER A 41 -1.05 16.77 -17.13
CA SER A 41 -0.62 18.15 -17.28
C SER A 41 -1.81 19.09 -17.38
N ALA A 42 -2.84 18.67 -18.12
CA ALA A 42 -4.03 19.48 -18.29
C ALA A 42 -3.69 20.84 -18.86
N GLY A 43 -2.80 20.86 -19.86
CA GLY A 43 -2.40 22.10 -20.49
C GLY A 43 -1.30 22.83 -19.73
N ALA A 44 -0.83 22.22 -18.65
CA ALA A 44 0.24 22.83 -17.84
C ALA A 44 1.11 21.76 -17.19
N GLY A 45 2.39 22.06 -17.06
CA GLY A 45 3.32 21.12 -16.45
C GLY A 45 3.80 20.05 -17.42
N PHE A 46 3.37 20.14 -18.68
CA PHE A 46 3.76 19.18 -19.69
C PHE A 46 5.28 19.22 -19.93
N GLY A 47 5.90 18.05 -19.94
CA GLY A 47 7.33 17.97 -20.16
C GLY A 47 8.12 18.27 -18.90
N PRO A 48 9.45 18.40 -19.01
CA PRO A 48 10.32 18.68 -17.87
C PRO A 48 10.14 20.10 -17.34
N GLN A 49 10.41 20.27 -16.05
CA GLN A 49 10.28 21.58 -15.41
C GLN A 49 11.25 22.58 -16.02
N HIS A 50 12.47 22.12 -16.30
CA HIS A 50 13.50 22.98 -16.89
C HIS A 50 13.89 24.09 -15.92
N GLU A 1 -16.49 -12.30 26.48
CA GLU A 1 -16.69 -12.36 25.01
C GLU A 1 -17.87 -13.27 24.66
N TYR A 2 -18.88 -12.70 24.02
CA TYR A 2 -20.06 -13.45 23.63
C TYR A 2 -20.13 -13.63 22.12
N HIS A 3 -19.73 -12.59 21.39
CA HIS A 3 -19.75 -12.64 19.93
C HIS A 3 -19.11 -11.38 19.34
N LEU A 4 -19.65 -10.23 19.72
CA LEU A 4 -19.16 -8.94 19.24
C LEU A 4 -17.72 -8.70 19.66
N MET A 5 -17.40 -9.12 20.87
CA MET A 5 -16.05 -8.94 21.41
C MET A 5 -15.00 -9.59 20.53
N ASN A 6 -15.22 -10.84 20.16
CA ASN A 6 -14.27 -11.57 19.32
C ASN A 6 -15.01 -12.40 18.29
N GLY A 7 -16.04 -13.11 18.74
CA GLY A 7 -16.82 -13.94 17.84
C GLY A 7 -16.05 -15.13 17.33
N ALA A 8 -15.07 -15.57 18.12
CA ALA A 8 -14.24 -16.71 17.74
C ALA A 8 -13.69 -16.54 16.33
N ASN A 9 -13.09 -17.62 15.80
CA ASN A 9 -12.52 -17.59 14.47
C ASN A 9 -11.54 -16.45 14.31
N GLY A 10 -10.75 -16.22 15.36
CA GLY A 10 -9.77 -15.14 15.34
C GLY A 10 -8.71 -15.34 14.27
N TYR A 11 -8.25 -16.58 14.14
CA TYR A 11 -7.23 -16.92 13.15
C TYR A 11 -7.79 -16.79 11.73
N LEU A 12 -9.08 -17.06 11.60
CA LEU A 12 -9.74 -16.98 10.31
C LEU A 12 -9.66 -15.56 9.74
N THR A 13 -9.91 -14.57 10.59
CA THR A 13 -9.85 -13.18 10.18
C THR A 13 -8.42 -12.77 9.86
N ARG A 14 -7.47 -13.34 10.60
CA ARG A 14 -6.06 -13.04 10.41
C ARG A 14 -5.61 -13.45 9.01
N VAL A 15 -6.08 -14.60 8.56
CA VAL A 15 -5.74 -15.11 7.25
C VAL A 15 -6.17 -14.13 6.18
N ASN A 16 -7.32 -13.49 6.40
CA ASN A 16 -7.86 -12.53 5.45
C ASN A 16 -6.88 -11.38 5.26
N GLY A 17 -6.23 -10.98 6.34
CA GLY A 17 -5.28 -9.88 6.28
C GLY A 17 -4.13 -10.19 5.33
N LYS A 18 -3.69 -11.44 5.34
CA LYS A 18 -2.59 -11.87 4.48
C LYS A 18 -2.93 -11.70 3.00
N TYR A 19 -4.16 -12.02 2.63
CA TYR A 19 -4.60 -11.90 1.23
C TYR A 19 -4.58 -10.46 0.76
N VAL A 20 -5.03 -9.53 1.60
CA VAL A 20 -5.05 -8.12 1.23
C VAL A 20 -3.64 -7.55 1.18
N TYR A 21 -2.82 -7.95 2.13
CA TYR A 21 -1.44 -7.49 2.21
C TYR A 21 -0.68 -7.87 0.94
N ARG A 22 -0.83 -9.14 0.53
CA ARG A 22 -0.16 -9.63 -0.65
C ARG A 22 -0.58 -8.84 -1.89
N VAL A 23 -1.87 -8.56 -2.00
CA VAL A 23 -2.38 -7.81 -3.14
C VAL A 23 -1.76 -6.42 -3.19
N THR A 24 -1.70 -5.76 -2.05
CA THR A 24 -1.13 -4.42 -1.95
C THR A 24 0.35 -4.42 -2.32
N LYS A 25 1.07 -5.41 -1.81
CA LYS A 25 2.50 -5.55 -2.07
C LYS A 25 2.80 -5.84 -3.53
N ASP A 26 1.80 -6.31 -4.28
CA ASP A 26 1.98 -6.63 -5.68
C ASP A 26 2.32 -5.38 -6.51
N PRO A 27 3.05 -5.55 -7.63
CA PRO A 27 3.44 -4.43 -8.50
C PRO A 27 2.25 -3.62 -9.00
N VAL A 28 1.06 -4.22 -8.97
CA VAL A 28 -0.15 -3.54 -9.42
C VAL A 28 -0.38 -2.27 -8.61
N SER A 29 -0.21 -2.37 -7.30
CA SER A 29 -0.41 -1.23 -6.43
C SER A 29 0.57 -0.11 -6.77
N ALA A 30 1.81 -0.48 -7.06
CA ALA A 30 2.84 0.50 -7.40
C ALA A 30 2.47 1.23 -8.68
N VAL A 31 1.90 0.48 -9.61
CA VAL A 31 1.48 1.05 -10.89
C VAL A 31 0.42 2.10 -10.64
N PHE A 32 -0.52 1.77 -9.76
CA PHE A 32 -1.59 2.69 -9.42
C PHE A 32 -0.97 3.97 -8.87
N GLY A 33 -0.03 3.79 -7.94
CA GLY A 33 0.64 4.91 -7.32
C GLY A 33 1.46 5.75 -8.29
N VAL A 34 2.18 5.08 -9.18
CA VAL A 34 3.01 5.78 -10.16
C VAL A 34 2.16 6.56 -11.15
N ILE A 35 1.17 5.87 -11.73
CA ILE A 35 0.28 6.50 -12.71
C ILE A 35 -0.51 7.64 -12.07
N SER A 36 -1.11 7.36 -10.91
CA SER A 36 -1.90 8.34 -10.19
C SER A 36 -1.04 9.52 -9.74
N ASN A 37 0.15 9.22 -9.26
CA ASN A 37 1.07 10.24 -8.80
C ASN A 37 2.07 10.62 -9.89
N GLY A 38 1.75 10.32 -11.13
CA GLY A 38 2.64 10.65 -12.23
C GLY A 38 2.57 12.10 -12.61
N TRP A 39 3.57 12.88 -12.16
CA TRP A 39 3.62 14.30 -12.45
C TRP A 39 4.72 14.60 -13.45
N GLY A 40 5.04 13.63 -14.28
CA GLY A 40 6.09 13.80 -15.27
C GLY A 40 7.43 14.14 -14.66
N SER A 41 8.08 15.16 -15.19
CA SER A 41 9.38 15.59 -14.68
C SER A 41 9.27 16.03 -13.22
N ALA A 42 8.17 16.73 -12.91
CA ALA A 42 7.91 17.23 -11.55
C ALA A 42 8.69 18.51 -11.28
N GLY A 43 8.74 19.39 -12.28
CA GLY A 43 9.46 20.64 -12.14
C GLY A 43 10.90 20.57 -12.59
N ALA A 44 11.40 19.36 -12.77
CA ALA A 44 12.78 19.16 -13.21
C ALA A 44 13.01 19.77 -14.59
N GLY A 45 12.03 19.60 -15.47
CA GLY A 45 12.13 20.13 -16.82
C GLY A 45 10.82 20.12 -17.56
N PHE A 46 9.73 20.10 -16.81
CA PHE A 46 8.40 20.08 -17.40
C PHE A 46 7.66 21.40 -17.11
N GLY A 47 7.35 22.15 -18.17
CA GLY A 47 6.66 23.41 -18.00
C GLY A 47 7.56 24.49 -17.46
N PRO A 48 7.00 25.65 -17.10
CA PRO A 48 7.78 26.78 -16.56
C PRO A 48 8.27 26.49 -15.14
N GLN A 49 9.44 27.05 -14.82
CA GLN A 49 10.02 26.86 -13.49
C GLN A 49 9.14 27.47 -12.41
N HIS A 50 8.59 28.64 -12.70
CA HIS A 50 7.72 29.34 -11.76
C HIS A 50 6.39 28.60 -11.59
N GLU A 1 -27.80 -12.72 19.20
CA GLU A 1 -26.42 -12.80 18.64
C GLU A 1 -25.75 -11.43 18.64
N TYR A 2 -24.53 -11.37 19.16
CA TYR A 2 -23.79 -10.12 19.21
C TYR A 2 -22.67 -10.12 18.18
N HIS A 3 -21.90 -11.20 18.16
CA HIS A 3 -20.79 -11.35 17.22
C HIS A 3 -20.39 -12.81 17.04
N LEU A 4 -21.28 -13.72 17.43
CA LEU A 4 -21.01 -15.14 17.31
C LEU A 4 -20.84 -15.55 15.86
N MET A 5 -21.67 -14.97 14.99
CA MET A 5 -21.62 -15.26 13.57
C MET A 5 -22.03 -14.05 12.74
N ASN A 6 -23.34 -13.78 12.71
CA ASN A 6 -23.86 -12.65 11.96
C ASN A 6 -24.20 -11.47 12.89
N GLY A 7 -23.94 -11.64 14.18
CA GLY A 7 -24.23 -10.58 15.12
C GLY A 7 -23.47 -9.31 14.82
N ALA A 8 -22.20 -9.45 14.45
CA ALA A 8 -21.35 -8.32 14.13
C ALA A 8 -20.31 -8.67 13.07
N ASN A 9 -19.89 -7.68 12.31
CA ASN A 9 -18.90 -7.89 11.26
C ASN A 9 -17.48 -7.69 11.80
N GLY A 10 -16.78 -8.80 12.03
CA GLY A 10 -15.42 -8.72 12.55
C GLY A 10 -14.46 -9.62 11.81
N TYR A 11 -14.82 -10.88 11.66
CA TYR A 11 -13.96 -11.85 10.98
C TYR A 11 -13.78 -11.48 9.51
N LEU A 12 -14.86 -11.06 8.86
CA LEU A 12 -14.81 -10.68 7.45
C LEU A 12 -13.90 -9.48 7.25
N THR A 13 -14.02 -8.49 8.12
CA THR A 13 -13.20 -7.28 8.03
C THR A 13 -11.74 -7.60 8.30
N ARG A 14 -11.51 -8.57 9.18
CA ARG A 14 -10.15 -8.98 9.53
C ARG A 14 -9.42 -9.52 8.31
N VAL A 15 -10.09 -10.38 7.56
CA VAL A 15 -9.49 -10.98 6.37
C VAL A 15 -9.34 -9.95 5.26
N ASN A 16 -10.18 -8.93 5.29
CA ASN A 16 -10.13 -7.87 4.28
C ASN A 16 -8.79 -7.14 4.34
N GLY A 17 -8.32 -6.90 5.56
CA GLY A 17 -7.05 -6.22 5.74
C GLY A 17 -5.90 -6.99 5.13
N LYS A 18 -5.95 -8.31 5.28
CA LYS A 18 -4.92 -9.18 4.73
C LYS A 18 -4.84 -9.03 3.21
N TYR A 19 -5.99 -9.02 2.56
CA TYR A 19 -6.04 -8.88 1.10
C TYR A 19 -5.46 -7.54 0.66
N VAL A 20 -5.79 -6.49 1.41
CA VAL A 20 -5.31 -5.15 1.09
C VAL A 20 -3.79 -5.09 1.17
N TYR A 21 -3.23 -5.68 2.22
CA TYR A 21 -1.79 -5.70 2.41
C TYR A 21 -1.10 -6.38 1.24
N ARG A 22 -1.62 -7.54 0.85
CA ARG A 22 -1.06 -8.29 -0.27
C ARG A 22 -1.13 -7.49 -1.56
N VAL A 23 -2.27 -6.82 -1.76
CA VAL A 23 -2.47 -6.01 -2.96
C VAL A 23 -1.43 -4.90 -3.04
N THR A 24 -1.17 -4.24 -1.91
CA THR A 24 -0.21 -3.16 -1.86
C THR A 24 1.18 -3.66 -2.25
N LYS A 25 1.54 -4.82 -1.73
CA LYS A 25 2.83 -5.43 -2.02
C LYS A 25 2.98 -5.75 -3.50
N ASP A 26 1.90 -6.18 -4.13
CA ASP A 26 1.92 -6.53 -5.55
C ASP A 26 2.30 -5.33 -6.42
N PRO A 27 2.98 -5.58 -7.56
CA PRO A 27 3.40 -4.51 -8.49
C PRO A 27 2.23 -3.66 -8.99
N VAL A 28 1.04 -4.24 -8.98
CA VAL A 28 -0.15 -3.53 -9.46
C VAL A 28 -0.38 -2.27 -8.64
N SER A 29 -0.21 -2.38 -7.33
CA SER A 29 -0.40 -1.24 -6.44
C SER A 29 0.57 -0.11 -6.78
N ALA A 30 1.83 -0.48 -7.05
CA ALA A 30 2.85 0.51 -7.40
C ALA A 30 2.48 1.22 -8.68
N VAL A 31 1.93 0.47 -9.62
CA VAL A 31 1.51 1.03 -10.90
C VAL A 31 0.44 2.06 -10.67
N PHE A 32 -0.51 1.74 -9.80
CA PHE A 32 -1.58 2.65 -9.48
C PHE A 32 -0.99 3.94 -8.91
N GLY A 33 -0.06 3.77 -7.97
CA GLY A 33 0.60 4.91 -7.35
C GLY A 33 1.42 5.73 -8.32
N VAL A 34 2.18 5.06 -9.18
CA VAL A 34 3.00 5.76 -10.16
C VAL A 34 2.14 6.54 -11.15
N ILE A 35 1.14 5.86 -11.70
CA ILE A 35 0.25 6.48 -12.66
C ILE A 35 -0.52 7.65 -12.03
N SER A 36 -1.09 7.42 -10.85
CA SER A 36 -1.85 8.46 -10.15
C SER A 36 -0.96 9.64 -9.75
N ASN A 37 0.25 9.33 -9.29
CA ASN A 37 1.18 10.38 -8.89
C ASN A 37 1.55 11.27 -10.06
N GLY A 38 1.73 10.65 -11.23
CA GLY A 38 2.08 11.40 -12.42
C GLY A 38 3.49 11.96 -12.37
N TRP A 39 4.38 11.27 -11.67
CA TRP A 39 5.76 11.72 -11.55
C TRP A 39 6.70 10.82 -12.36
N GLY A 40 7.64 11.44 -13.07
CA GLY A 40 8.58 10.70 -13.88
C GLY A 40 9.99 10.76 -13.32
N SER A 41 10.11 10.91 -12.01
CA SER A 41 11.40 10.98 -11.34
C SER A 41 12.19 12.25 -11.72
N ALA A 42 11.53 13.17 -12.41
CA ALA A 42 12.20 14.40 -12.81
C ALA A 42 12.64 15.20 -11.60
N GLY A 43 11.75 15.33 -10.62
CA GLY A 43 12.07 16.07 -9.41
C GLY A 43 13.14 15.38 -8.59
N ALA A 44 13.04 14.06 -8.51
CA ALA A 44 13.98 13.25 -7.75
C ALA A 44 13.85 11.78 -8.15
N GLY A 45 14.57 10.90 -7.46
CA GLY A 45 14.50 9.49 -7.77
C GLY A 45 13.16 8.88 -7.41
N PHE A 46 12.13 9.17 -8.19
CA PHE A 46 10.79 8.65 -7.95
C PHE A 46 10.76 7.13 -8.13
N GLY A 47 10.17 6.44 -7.16
CA GLY A 47 10.08 5.00 -7.23
C GLY A 47 11.36 4.31 -6.82
N PRO A 48 11.47 2.98 -7.03
CA PRO A 48 12.66 2.21 -6.67
C PRO A 48 13.85 2.53 -7.57
N GLN A 49 15.04 2.37 -7.03
CA GLN A 49 16.27 2.64 -7.78
C GLN A 49 16.39 1.70 -8.98
N HIS A 50 16.01 0.44 -8.78
CA HIS A 50 16.08 -0.54 -9.86
C HIS A 50 14.79 -0.55 -10.67
N GLU A 1 -9.28 -12.72 17.42
CA GLU A 1 -10.10 -12.52 18.63
C GLU A 1 -9.92 -13.66 19.62
N TYR A 2 -9.51 -13.33 20.83
CA TYR A 2 -9.30 -14.34 21.87
C TYR A 2 -10.04 -13.97 23.16
N HIS A 3 -10.56 -14.98 23.83
CA HIS A 3 -11.29 -14.78 25.08
C HIS A 3 -10.36 -14.30 26.19
N LEU A 4 -9.09 -14.65 26.07
CA LEU A 4 -8.08 -14.27 27.06
C LEU A 4 -7.96 -12.76 27.14
N MET A 5 -8.06 -12.12 25.98
CA MET A 5 -7.96 -10.66 25.90
C MET A 5 -9.35 -10.03 25.93
N ASN A 6 -10.30 -10.72 26.55
CA ASN A 6 -11.67 -10.22 26.65
C ASN A 6 -12.34 -10.17 25.28
N GLY A 7 -11.87 -11.02 24.38
CA GLY A 7 -12.41 -11.08 23.04
C GLY A 7 -12.02 -9.87 22.21
N ALA A 8 -10.91 -9.25 22.57
CA ALA A 8 -10.41 -8.08 21.85
C ALA A 8 -10.09 -8.42 20.40
N ASN A 9 -10.37 -7.48 19.50
CA ASN A 9 -10.11 -7.69 18.08
C ASN A 9 -8.92 -6.86 17.62
N GLY A 10 -8.06 -6.49 18.56
CA GLY A 10 -6.89 -5.71 18.24
C GLY A 10 -5.96 -6.43 17.28
N TYR A 11 -5.78 -7.72 17.50
CA TYR A 11 -4.91 -8.53 16.64
C TYR A 11 -5.45 -8.58 15.22
N LEU A 12 -6.77 -8.71 15.10
CA LEU A 12 -7.41 -8.77 13.80
C LEU A 12 -7.20 -7.47 13.03
N THR A 13 -7.28 -6.35 13.74
CA THR A 13 -7.09 -5.04 13.13
C THR A 13 -5.68 -4.92 12.56
N ARG A 14 -4.69 -5.33 13.36
CA ARG A 14 -3.31 -5.27 12.93
C ARG A 14 -3.05 -6.12 11.70
N VAL A 15 -3.63 -7.31 11.69
CA VAL A 15 -3.47 -8.22 10.56
C VAL A 15 -4.00 -7.58 9.29
N ASN A 16 -5.14 -6.90 9.41
CA ASN A 16 -5.75 -6.24 8.27
C ASN A 16 -4.83 -5.16 7.72
N GLY A 17 -4.18 -4.42 8.63
CA GLY A 17 -3.27 -3.38 8.21
C GLY A 17 -2.11 -3.93 7.41
N LYS A 18 -1.58 -5.05 7.85
CA LYS A 18 -0.45 -5.69 7.17
C LYS A 18 -0.85 -6.08 5.75
N TYR A 19 -2.07 -6.59 5.61
CA TYR A 19 -2.59 -7.00 4.32
C TYR A 19 -2.58 -5.83 3.34
N VAL A 20 -3.10 -4.69 3.79
CA VAL A 20 -3.16 -3.49 2.96
C VAL A 20 -1.77 -3.03 2.54
N TYR A 21 -0.83 -3.03 3.48
CA TYR A 21 0.53 -2.61 3.17
C TYR A 21 1.20 -3.60 2.20
N ARG A 22 0.79 -4.86 2.31
CA ARG A 22 1.35 -5.90 1.45
C ARG A 22 1.08 -5.63 -0.03
N VAL A 23 -0.14 -5.23 -0.37
CA VAL A 23 -0.48 -4.94 -1.76
C VAL A 23 0.32 -3.76 -2.27
N THR A 24 0.65 -2.83 -1.38
CA THR A 24 1.41 -1.65 -1.74
C THR A 24 2.79 -2.04 -2.26
N LYS A 25 3.42 -2.98 -1.56
CA LYS A 25 4.74 -3.46 -1.93
C LYS A 25 4.71 -4.10 -3.31
N ASP A 26 3.63 -4.82 -3.60
CA ASP A 26 3.49 -5.48 -4.89
C ASP A 26 3.37 -4.46 -6.03
N PRO A 27 3.80 -4.84 -7.24
CA PRO A 27 3.75 -3.96 -8.42
C PRO A 27 2.33 -3.61 -8.84
N VAL A 28 1.37 -4.42 -8.40
CA VAL A 28 -0.03 -4.19 -8.73
C VAL A 28 -0.49 -2.83 -8.23
N SER A 29 -0.14 -2.52 -6.99
CA SER A 29 -0.52 -1.25 -6.38
C SER A 29 0.46 -0.13 -6.77
N ALA A 30 1.71 -0.51 -7.00
CA ALA A 30 2.75 0.45 -7.37
C ALA A 30 2.43 1.17 -8.68
N VAL A 31 1.90 0.43 -9.65
CA VAL A 31 1.55 1.04 -10.92
C VAL A 31 0.46 2.07 -10.72
N PHE A 32 -0.47 1.76 -9.82
CA PHE A 32 -1.55 2.69 -9.54
C PHE A 32 -0.96 3.95 -8.93
N GLY A 33 0.01 3.75 -8.03
CA GLY A 33 0.66 4.86 -7.37
C GLY A 33 1.46 5.73 -8.33
N VAL A 34 2.23 5.10 -9.21
CA VAL A 34 3.03 5.83 -10.17
C VAL A 34 2.15 6.59 -11.14
N ILE A 35 1.16 5.89 -11.70
CA ILE A 35 0.24 6.49 -12.64
C ILE A 35 -0.55 7.64 -12.01
N SER A 36 -1.09 7.38 -10.81
CA SER A 36 -1.87 8.40 -10.10
C SER A 36 -1.00 9.57 -9.68
N ASN A 37 0.23 9.28 -9.26
CA ASN A 37 1.15 10.33 -8.84
C ASN A 37 1.48 11.26 -10.00
N GLY A 38 1.63 10.69 -11.18
CA GLY A 38 1.94 11.48 -12.36
C GLY A 38 3.38 11.96 -12.35
N TRP A 39 3.58 13.24 -12.12
CA TRP A 39 4.91 13.83 -12.09
C TRP A 39 5.57 13.71 -13.46
N GLY A 40 4.84 14.09 -14.50
CA GLY A 40 5.37 14.02 -15.85
C GLY A 40 6.47 15.04 -16.08
N SER A 41 7.39 14.72 -16.99
CA SER A 41 8.49 15.62 -17.31
C SER A 41 7.98 16.93 -17.88
N ALA A 42 6.95 16.84 -18.73
CA ALA A 42 6.37 18.02 -19.35
C ALA A 42 7.28 18.56 -20.45
N GLY A 43 7.28 19.88 -20.65
CA GLY A 43 8.12 20.46 -21.68
C GLY A 43 9.60 20.18 -21.45
N ALA A 44 10.03 20.24 -20.20
CA ALA A 44 11.42 20.00 -19.86
C ALA A 44 11.63 18.59 -19.29
N GLY A 45 12.64 17.90 -19.79
CA GLY A 45 12.94 16.56 -19.33
C GLY A 45 12.24 15.47 -20.14
N PHE A 46 11.30 15.88 -20.99
CA PHE A 46 10.57 14.94 -21.83
C PHE A 46 11.25 14.77 -23.18
N GLY A 47 11.57 13.52 -23.52
CA GLY A 47 12.23 13.24 -24.78
C GLY A 47 13.61 13.86 -24.90
N PRO A 48 14.48 13.73 -23.88
CA PRO A 48 15.83 14.31 -23.91
C PRO A 48 16.75 13.59 -24.89
N GLN A 49 17.73 14.31 -25.41
CA GLN A 49 18.67 13.75 -26.37
C GLN A 49 19.47 12.61 -25.75
N HIS A 50 19.86 12.80 -24.49
CA HIS A 50 20.63 11.78 -23.77
C HIS A 50 19.72 10.83 -23.02
N GLU A 1 3.68 4.51 13.41
CA GLU A 1 3.59 5.17 14.74
C GLU A 1 4.93 5.10 15.47
N TYR A 2 4.95 5.61 16.70
CA TYR A 2 6.17 5.61 17.50
C TYR A 2 5.87 5.08 18.90
N HIS A 3 6.85 4.42 19.51
CA HIS A 3 6.65 3.88 20.85
C HIS A 3 6.42 4.98 21.85
N LEU A 4 6.94 6.17 21.56
CA LEU A 4 6.78 7.32 22.45
C LEU A 4 5.32 7.73 22.57
N MET A 5 4.61 7.67 21.45
CA MET A 5 3.20 8.03 21.42
C MET A 5 2.37 6.93 20.79
N ASN A 6 1.32 6.52 21.49
CA ASN A 6 0.43 5.47 21.00
C ASN A 6 1.20 4.16 20.78
N GLY A 7 2.38 4.06 21.38
CA GLY A 7 3.17 2.87 21.24
C GLY A 7 2.46 1.63 21.74
N ALA A 8 1.76 1.76 22.85
CA ALA A 8 1.03 0.64 23.43
C ALA A 8 -0.09 0.19 22.49
N ASN A 9 -0.29 -1.13 22.42
CA ASN A 9 -1.33 -1.68 21.56
C ASN A 9 -1.16 -1.18 20.13
N GLY A 10 0.08 -1.19 19.65
CA GLY A 10 0.35 -0.75 18.30
C GLY A 10 0.32 -1.87 17.29
N TYR A 11 1.12 -2.90 17.53
CA TYR A 11 1.18 -4.05 16.63
C TYR A 11 -0.17 -4.74 16.53
N LEU A 12 -0.78 -4.98 17.69
CA LEU A 12 -2.09 -5.64 17.74
C LEU A 12 -3.15 -4.85 16.98
N THR A 13 -3.18 -3.53 17.21
CA THR A 13 -4.14 -2.68 16.54
C THR A 13 -3.91 -2.67 15.02
N ARG A 14 -2.64 -2.61 14.63
CA ARG A 14 -2.26 -2.61 13.23
C ARG A 14 -2.27 -4.00 12.61
N VAL A 15 -2.52 -5.02 13.43
CA VAL A 15 -2.56 -6.39 12.94
C VAL A 15 -3.61 -6.56 11.85
N ASN A 16 -4.60 -5.68 11.83
CA ASN A 16 -5.66 -5.75 10.83
C ASN A 16 -5.24 -5.09 9.51
N GLY A 17 -4.01 -4.59 9.46
CA GLY A 17 -3.52 -3.94 8.25
C GLY A 17 -2.70 -4.87 7.37
N LYS A 18 -2.72 -6.15 7.70
CA LYS A 18 -1.97 -7.15 6.94
C LYS A 18 -2.48 -7.21 5.50
N TYR A 19 -3.80 -7.13 5.34
CA TYR A 19 -4.40 -7.18 4.02
C TYR A 19 -3.95 -5.98 3.18
N VAL A 20 -3.90 -4.83 3.83
CA VAL A 20 -3.48 -3.60 3.16
C VAL A 20 -2.00 -3.66 2.77
N TYR A 21 -1.19 -4.21 3.66
CA TYR A 21 0.25 -4.32 3.43
C TYR A 21 0.57 -5.16 2.19
N ARG A 22 -0.15 -6.27 2.00
CA ARG A 22 0.09 -7.13 0.86
C ARG A 22 -0.23 -6.41 -0.44
N VAL A 23 -1.19 -5.48 -0.39
CA VAL A 23 -1.57 -4.71 -1.56
C VAL A 23 -0.40 -3.88 -2.05
N THR A 24 0.28 -3.23 -1.12
CA THR A 24 1.43 -2.39 -1.45
C THR A 24 2.61 -3.25 -1.91
N LYS A 25 2.71 -4.45 -1.35
CA LYS A 25 3.78 -5.38 -1.71
C LYS A 25 3.73 -5.74 -3.18
N ASP A 26 2.52 -5.99 -3.68
CA ASP A 26 2.35 -6.37 -5.09
C ASP A 26 2.70 -5.19 -6.01
N PRO A 27 3.21 -5.48 -7.23
CA PRO A 27 3.59 -4.45 -8.20
C PRO A 27 2.38 -3.70 -8.77
N VAL A 28 1.21 -4.32 -8.67
CA VAL A 28 -0.01 -3.71 -9.18
C VAL A 28 -0.29 -2.39 -8.49
N SER A 29 -0.18 -2.37 -7.17
CA SER A 29 -0.43 -1.17 -6.39
C SER A 29 0.57 -0.08 -6.76
N ALA A 30 1.81 -0.47 -7.06
CA ALA A 30 2.84 0.47 -7.42
C ALA A 30 2.47 1.20 -8.70
N VAL A 31 1.89 0.46 -9.63
CA VAL A 31 1.48 1.02 -10.90
C VAL A 31 0.41 2.09 -10.68
N PHE A 32 -0.55 1.79 -9.82
CA PHE A 32 -1.61 2.75 -9.54
C PHE A 32 -0.99 3.98 -8.90
N GLY A 33 -0.03 3.75 -8.01
CA GLY A 33 0.65 4.84 -7.34
C GLY A 33 1.45 5.72 -8.28
N VAL A 34 2.21 5.09 -9.17
CA VAL A 34 3.02 5.83 -10.13
C VAL A 34 2.16 6.59 -11.11
N ILE A 35 1.20 5.88 -11.70
CA ILE A 35 0.30 6.49 -12.67
C ILE A 35 -0.53 7.60 -12.04
N SER A 36 -1.09 7.32 -10.86
CA SER A 36 -1.91 8.31 -10.15
C SER A 36 -1.06 9.50 -9.70
N ASN A 37 0.16 9.21 -9.24
CA ASN A 37 1.05 10.26 -8.78
C ASN A 37 1.40 11.21 -9.91
N GLY A 38 1.60 10.67 -11.11
CA GLY A 38 1.92 11.49 -12.26
C GLY A 38 3.35 12.00 -12.22
N TRP A 39 4.20 11.30 -11.48
CA TRP A 39 5.61 11.69 -11.36
C TRP A 39 6.45 10.98 -12.42
N GLY A 40 6.43 11.50 -13.64
CA GLY A 40 7.19 10.90 -14.72
C GLY A 40 8.69 10.92 -14.44
N SER A 41 9.19 12.02 -13.91
CA SER A 41 10.61 12.16 -13.60
C SER A 41 11.04 11.13 -12.56
N ALA A 42 10.16 10.88 -11.59
CA ALA A 42 10.45 9.92 -10.53
C ALA A 42 11.70 10.32 -9.75
N GLY A 43 11.73 11.56 -9.28
CA GLY A 43 12.87 12.04 -8.53
C GLY A 43 14.04 12.40 -9.41
N ALA A 44 13.77 12.60 -10.69
CA ALA A 44 14.82 12.95 -11.66
C ALA A 44 14.87 14.46 -11.87
N GLY A 45 15.59 14.88 -12.90
CA GLY A 45 15.71 16.30 -13.20
C GLY A 45 14.38 16.95 -13.49
N PHE A 46 13.51 16.24 -14.19
CA PHE A 46 12.19 16.76 -14.53
C PHE A 46 12.31 18.05 -15.35
N GLY A 47 12.88 17.93 -16.55
CA GLY A 47 13.04 19.10 -17.40
C GLY A 47 11.72 19.76 -17.77
N PRO A 48 10.70 18.99 -18.19
CA PRO A 48 9.39 19.54 -18.56
C PRO A 48 8.73 20.30 -17.41
N GLN A 49 8.05 21.39 -17.74
CA GLN A 49 7.39 22.20 -16.72
C GLN A 49 6.29 21.40 -16.03
N HIS A 50 5.56 20.59 -16.80
CA HIS A 50 4.49 19.77 -16.27
C HIS A 50 4.95 18.33 -16.09
N GLU A 1 1.52 -9.59 21.36
CA GLU A 1 2.41 -8.86 22.32
C GLU A 1 2.77 -7.49 21.77
N TYR A 2 2.35 -6.45 22.49
CA TYR A 2 2.62 -5.08 22.09
C TYR A 2 3.13 -4.24 23.26
N HIS A 3 2.76 -4.63 24.48
CA HIS A 3 3.18 -3.92 25.67
C HIS A 3 3.85 -4.88 26.65
N LEU A 4 4.76 -4.35 27.45
CA LEU A 4 5.49 -5.14 28.42
C LEU A 4 6.33 -6.23 27.73
N MET A 5 6.51 -6.10 26.42
CA MET A 5 7.28 -7.06 25.66
C MET A 5 7.96 -6.39 24.46
N ASN A 6 7.28 -6.38 23.31
CA ASN A 6 7.83 -5.76 22.10
C ASN A 6 8.00 -4.27 22.31
N GLY A 7 7.02 -3.65 22.97
CA GLY A 7 7.06 -2.23 23.23
C GLY A 7 6.84 -1.41 21.97
N ALA A 8 6.12 -1.99 21.01
CA ALA A 8 5.84 -1.30 19.75
C ALA A 8 4.49 -1.76 19.16
N ASN A 9 3.88 -0.87 18.40
CA ASN A 9 2.58 -1.18 17.77
C ASN A 9 2.73 -1.36 16.26
N GLY A 10 3.94 -1.70 15.84
CA GLY A 10 4.20 -1.90 14.43
C GLY A 10 3.37 -3.02 13.83
N TYR A 11 3.25 -4.13 14.57
CA TYR A 11 2.48 -5.27 14.11
C TYR A 11 0.99 -4.98 14.12
N LEU A 12 0.59 -4.07 15.01
CA LEU A 12 -0.82 -3.70 15.14
C LEU A 12 -1.36 -3.12 13.84
N THR A 13 -0.56 -2.29 13.17
CA THR A 13 -0.98 -1.68 11.91
C THR A 13 -1.18 -2.75 10.83
N ARG A 14 -0.33 -3.75 10.83
CA ARG A 14 -0.41 -4.83 9.85
C ARG A 14 -1.71 -5.60 10.02
N VAL A 15 -2.06 -5.87 11.26
CA VAL A 15 -3.28 -6.60 11.57
C VAL A 15 -4.52 -5.81 11.13
N ASN A 16 -4.48 -4.50 11.37
CA ASN A 16 -5.59 -3.62 11.02
C ASN A 16 -5.83 -3.62 9.50
N GLY A 17 -4.75 -3.61 8.74
CA GLY A 17 -4.87 -3.61 7.29
C GLY A 17 -3.97 -4.62 6.62
N LYS A 18 -4.10 -5.88 7.04
CA LYS A 18 -3.28 -6.95 6.48
C LYS A 18 -3.51 -7.10 4.98
N TYR A 19 -4.77 -7.04 4.56
CA TYR A 19 -5.11 -7.16 3.16
C TYR A 19 -4.53 -6.00 2.36
N VAL A 20 -4.59 -4.81 2.94
CA VAL A 20 -4.08 -3.62 2.28
C VAL A 20 -2.58 -3.72 2.02
N TYR A 21 -1.84 -4.17 3.01
CA TYR A 21 -0.40 -4.32 2.87
C TYR A 21 -0.06 -5.38 1.82
N ARG A 22 -0.86 -6.45 1.80
CA ARG A 22 -0.65 -7.53 0.84
C ARG A 22 -0.77 -7.02 -0.59
N VAL A 23 -1.80 -6.23 -0.87
CA VAL A 23 -2.01 -5.68 -2.20
C VAL A 23 -1.00 -4.59 -2.53
N THR A 24 -0.55 -3.89 -1.50
CA THR A 24 0.42 -2.81 -1.67
C THR A 24 1.73 -3.35 -2.24
N LYS A 25 2.19 -4.47 -1.70
CA LYS A 25 3.43 -5.10 -2.15
C LYS A 25 3.34 -5.49 -3.62
N ASP A 26 2.18 -5.97 -4.04
CA ASP A 26 1.97 -6.39 -5.42
C ASP A 26 2.30 -5.25 -6.39
N PRO A 27 2.98 -5.56 -7.52
CA PRO A 27 3.35 -4.53 -8.52
C PRO A 27 2.16 -3.69 -8.98
N VAL A 28 0.97 -4.25 -8.90
CA VAL A 28 -0.23 -3.55 -9.32
C VAL A 28 -0.42 -2.26 -8.53
N SER A 29 -0.22 -2.34 -7.23
CA SER A 29 -0.35 -1.18 -6.36
C SER A 29 0.63 -0.08 -6.75
N ALA A 30 1.86 -0.47 -7.07
CA ALA A 30 2.88 0.50 -7.45
C ALA A 30 2.49 1.21 -8.73
N VAL A 31 1.90 0.47 -9.65
CA VAL A 31 1.46 1.03 -10.93
C VAL A 31 0.39 2.08 -10.68
N PHE A 32 -0.56 1.75 -9.82
CA PHE A 32 -1.62 2.68 -9.51
C PHE A 32 -1.01 3.95 -8.92
N GLY A 33 -0.11 3.76 -7.96
CA GLY A 33 0.55 4.87 -7.32
C GLY A 33 1.39 5.72 -8.26
N VAL A 34 2.15 5.05 -9.12
CA VAL A 34 2.99 5.76 -10.07
C VAL A 34 2.17 6.54 -11.09
N ILE A 35 1.19 5.86 -11.67
CA ILE A 35 0.31 6.48 -12.65
C ILE A 35 -0.49 7.64 -12.05
N SER A 36 -1.07 7.39 -10.88
CA SER A 36 -1.87 8.42 -10.21
C SER A 36 -1.00 9.60 -9.79
N ASN A 37 0.20 9.30 -9.30
CA ASN A 37 1.13 10.33 -8.87
C ASN A 37 1.63 11.15 -10.06
N GLY A 38 1.62 10.54 -11.24
CA GLY A 38 2.07 11.22 -12.43
C GLY A 38 1.01 12.12 -13.05
N TRP A 39 -0.17 12.16 -12.44
CA TRP A 39 -1.27 13.00 -12.94
C TRP A 39 -1.02 14.47 -12.63
N GLY A 40 -1.34 15.33 -13.59
CA GLY A 40 -1.16 16.75 -13.40
C GLY A 40 0.30 17.15 -13.44
N SER A 41 0.61 18.32 -12.88
CA SER A 41 1.98 18.81 -12.84
C SER A 41 2.89 17.87 -12.06
N ALA A 42 2.38 17.36 -10.94
CA ALA A 42 3.13 16.45 -10.10
C ALA A 42 2.37 16.12 -8.83
N GLY A 43 1.70 14.98 -8.83
CA GLY A 43 0.94 14.58 -7.65
C GLY A 43 -0.28 15.45 -7.44
N ALA A 44 -0.79 16.01 -8.54
CA ALA A 44 -1.97 16.87 -8.47
C ALA A 44 -1.65 18.20 -7.79
N GLY A 45 -0.38 18.60 -7.84
CA GLY A 45 0.04 19.84 -7.22
C GLY A 45 -0.65 21.05 -7.84
N PHE A 46 -0.81 21.01 -9.16
CA PHE A 46 -1.46 22.12 -9.87
C PHE A 46 -2.90 22.30 -9.40
N GLY A 47 -3.27 23.54 -9.13
CA GLY A 47 -4.62 23.83 -8.66
C GLY A 47 -4.91 23.22 -7.30
N PRO A 48 -4.24 23.70 -6.24
CA PRO A 48 -4.43 23.19 -4.88
C PRO A 48 -5.89 23.26 -4.44
N GLN A 49 -6.33 22.22 -3.74
CA GLN A 49 -7.71 22.15 -3.25
C GLN A 49 -7.99 23.29 -2.28
N HIS A 50 -7.02 23.60 -1.42
CA HIS A 50 -7.16 24.66 -0.43
C HIS A 50 -6.23 25.82 -0.76
N GLU A 1 -11.57 -5.49 9.07
CA GLU A 1 -12.11 -4.21 9.63
C GLU A 1 -11.81 -3.04 8.68
N TYR A 2 -12.46 -1.90 8.93
CA TYR A 2 -12.26 -0.72 8.10
C TYR A 2 -11.96 0.50 8.98
N HIS A 3 -11.15 1.41 8.45
CA HIS A 3 -10.78 2.62 9.18
C HIS A 3 -12.01 3.47 9.45
N LEU A 4 -12.88 3.56 8.44
CA LEU A 4 -14.11 4.34 8.55
C LEU A 4 -15.02 3.79 9.63
N MET A 5 -15.05 2.47 9.73
CA MET A 5 -15.88 1.78 10.71
C MET A 5 -15.50 2.20 12.13
N ASN A 6 -14.21 2.18 12.43
CA ASN A 6 -13.72 2.55 13.75
C ASN A 6 -12.36 3.22 13.65
N GLY A 7 -11.44 2.55 12.98
CA GLY A 7 -10.10 3.07 12.82
C GLY A 7 -9.29 3.03 14.10
N ALA A 8 -9.73 2.22 15.05
CA ALA A 8 -9.04 2.10 16.34
C ALA A 8 -7.71 1.38 16.17
N ASN A 9 -6.71 1.84 16.92
CA ASN A 9 -5.38 1.25 16.86
C ASN A 9 -4.77 1.41 15.47
N GLY A 10 -3.44 1.40 15.41
CA GLY A 10 -2.75 1.55 14.13
C GLY A 10 -2.15 0.24 13.65
N TYR A 11 -1.26 -0.33 14.46
CA TYR A 11 -0.62 -1.58 14.10
C TYR A 11 -1.63 -2.72 14.03
N LEU A 12 -2.58 -2.72 14.96
CA LEU A 12 -3.61 -3.74 14.98
C LEU A 12 -4.50 -3.68 13.75
N THR A 13 -4.82 -2.46 13.34
CA THR A 13 -5.68 -2.23 12.18
C THR A 13 -5.07 -2.79 10.89
N ARG A 14 -3.77 -2.55 10.68
CA ARG A 14 -3.11 -3.04 9.48
C ARG A 14 -3.17 -4.57 9.40
N VAL A 15 -3.18 -5.21 10.56
CA VAL A 15 -3.24 -6.68 10.61
C VAL A 15 -4.53 -7.18 9.98
N ASN A 16 -5.63 -6.51 10.31
CA ASN A 16 -6.93 -6.89 9.77
C ASN A 16 -6.96 -6.72 8.25
N GLY A 17 -6.31 -5.67 7.78
CA GLY A 17 -6.26 -5.40 6.35
C GLY A 17 -5.22 -6.23 5.64
N LYS A 18 -5.34 -7.55 5.76
CA LYS A 18 -4.40 -8.47 5.14
C LYS A 18 -4.41 -8.30 3.63
N TYR A 19 -5.60 -8.09 3.06
CA TYR A 19 -5.73 -7.91 1.62
C TYR A 19 -5.00 -6.66 1.17
N VAL A 20 -5.10 -5.59 1.97
CA VAL A 20 -4.44 -4.34 1.65
C VAL A 20 -2.93 -4.52 1.61
N TYR A 21 -2.40 -5.24 2.60
CA TYR A 21 -0.97 -5.48 2.68
C TYR A 21 -0.49 -6.21 1.43
N ARG A 22 -1.21 -7.26 1.05
CA ARG A 22 -0.86 -8.04 -0.12
C ARG A 22 -0.87 -7.18 -1.37
N VAL A 23 -1.88 -6.33 -1.49
CA VAL A 23 -2.01 -5.44 -2.65
C VAL A 23 -0.81 -4.51 -2.74
N THR A 24 -0.43 -3.92 -1.61
CA THR A 24 0.69 -3.00 -1.56
C THR A 24 1.98 -3.69 -1.97
N LYS A 25 2.17 -4.90 -1.45
CA LYS A 25 3.36 -5.69 -1.75
C LYS A 25 3.48 -5.96 -3.24
N ASP A 26 2.35 -6.29 -3.87
CA ASP A 26 2.34 -6.57 -5.30
C ASP A 26 2.68 -5.33 -6.12
N PRO A 27 3.29 -5.53 -7.31
CA PRO A 27 3.68 -4.41 -8.20
C PRO A 27 2.48 -3.67 -8.78
N VAL A 28 1.31 -4.31 -8.73
CA VAL A 28 0.10 -3.71 -9.27
C VAL A 28 -0.22 -2.40 -8.56
N SER A 29 -0.12 -2.42 -7.23
CA SER A 29 -0.41 -1.23 -6.44
C SER A 29 0.57 -0.11 -6.79
N ALA A 30 1.82 -0.48 -7.06
CA ALA A 30 2.84 0.49 -7.41
C ALA A 30 2.47 1.21 -8.70
N VAL A 31 1.92 0.47 -9.63
CA VAL A 31 1.50 1.03 -10.90
C VAL A 31 0.42 2.07 -10.68
N PHE A 32 -0.52 1.74 -9.80
CA PHE A 32 -1.59 2.67 -9.48
C PHE A 32 -0.99 3.95 -8.92
N GLY A 33 -0.07 3.76 -7.97
CA GLY A 33 0.59 4.89 -7.33
C GLY A 33 1.42 5.72 -8.31
N VAL A 34 2.17 5.05 -9.17
CA VAL A 34 3.00 5.76 -10.14
C VAL A 34 2.16 6.54 -11.13
N ILE A 35 1.16 5.86 -11.70
CA ILE A 35 0.27 6.50 -12.66
C ILE A 35 -0.50 7.65 -12.03
N SER A 36 -1.09 7.41 -10.87
CA SER A 36 -1.86 8.44 -10.16
C SER A 36 -0.99 9.61 -9.76
N ASN A 37 0.22 9.32 -9.26
CA ASN A 37 1.14 10.37 -8.85
C ASN A 37 1.54 11.24 -10.03
N GLY A 38 1.75 10.60 -11.18
CA GLY A 38 2.14 11.34 -12.37
C GLY A 38 1.08 12.33 -12.81
N TRP A 39 -0.18 11.91 -12.73
CA TRP A 39 -1.29 12.76 -13.11
C TRP A 39 -1.13 13.26 -14.54
N GLY A 40 -0.71 12.36 -15.43
CA GLY A 40 -0.53 12.74 -16.83
C GLY A 40 0.54 13.81 -17.02
N SER A 41 1.77 13.50 -16.62
CA SER A 41 2.86 14.45 -16.76
C SER A 41 3.07 14.82 -18.22
N ALA A 42 2.97 13.83 -19.09
CA ALA A 42 3.14 14.05 -20.52
C ALA A 42 3.00 12.74 -21.30
N GLY A 43 1.76 12.36 -21.59
CA GLY A 43 1.53 11.13 -22.34
C GLY A 43 1.88 9.91 -21.51
N ALA A 44 1.73 10.02 -20.20
CA ALA A 44 2.04 8.92 -19.30
C ALA A 44 3.54 8.73 -19.18
N GLY A 45 4.30 9.79 -19.47
CA GLY A 45 5.74 9.72 -19.40
C GLY A 45 6.25 9.61 -17.97
N PHE A 46 5.41 9.99 -17.01
CA PHE A 46 5.78 9.94 -15.61
C PHE A 46 6.20 8.53 -15.21
N GLY A 47 7.32 8.43 -14.49
CA GLY A 47 7.81 7.14 -14.06
C GLY A 47 9.30 6.98 -14.30
N PRO A 48 9.70 6.63 -15.53
CA PRO A 48 11.11 6.44 -15.89
C PRO A 48 11.87 7.76 -15.93
N GLN A 49 13.17 7.68 -15.66
CA GLN A 49 14.02 8.87 -15.66
C GLN A 49 14.07 9.51 -17.05
N HIS A 50 14.14 8.66 -18.07
CA HIS A 50 14.21 9.13 -19.45
C HIS A 50 12.81 9.39 -19.99
N GLU A 1 -8.89 -27.18 20.56
CA GLU A 1 -7.84 -26.13 20.55
C GLU A 1 -7.70 -25.49 21.92
N TYR A 2 -6.52 -25.62 22.51
CA TYR A 2 -6.25 -25.06 23.83
C TYR A 2 -5.21 -23.95 23.75
N HIS A 3 -4.03 -24.29 23.24
CA HIS A 3 -2.95 -23.32 23.10
C HIS A 3 -1.96 -23.76 22.03
N LEU A 4 -1.34 -22.79 21.36
CA LEU A 4 -0.38 -23.08 20.30
C LEU A 4 -1.03 -23.88 19.17
N MET A 5 -2.35 -23.81 19.10
CA MET A 5 -3.10 -24.51 18.06
C MET A 5 -4.54 -24.01 18.03
N ASN A 6 -4.71 -22.78 17.57
CA ASN A 6 -6.04 -22.16 17.47
C ASN A 6 -6.67 -21.99 18.85
N GLY A 7 -5.86 -22.11 19.90
CA GLY A 7 -6.38 -21.96 21.25
C GLY A 7 -6.97 -20.59 21.49
N ALA A 8 -6.32 -19.57 20.96
CA ALA A 8 -6.79 -18.19 21.11
C ALA A 8 -6.47 -17.37 19.87
N ASN A 9 -7.24 -16.30 19.65
CA ASN A 9 -7.03 -15.44 18.50
C ASN A 9 -6.00 -14.36 18.81
N GLY A 10 -4.79 -14.57 18.31
CA GLY A 10 -3.73 -13.61 18.53
C GLY A 10 -2.71 -13.62 17.41
N TYR A 11 -1.86 -14.63 17.39
CA TYR A 11 -0.83 -14.75 16.36
C TYR A 11 -1.47 -14.88 14.97
N LEU A 12 -2.65 -15.49 14.92
CA LEU A 12 -3.36 -15.67 13.67
C LEU A 12 -3.71 -14.33 13.05
N THR A 13 -4.19 -13.41 13.87
CA THR A 13 -4.57 -12.08 13.40
C THR A 13 -3.37 -11.37 12.81
N ARG A 14 -2.24 -11.46 13.51
CA ARG A 14 -1.01 -10.82 13.06
C ARG A 14 -0.58 -11.37 11.70
N VAL A 15 -0.70 -12.68 11.54
CA VAL A 15 -0.32 -13.33 10.29
C VAL A 15 -1.16 -12.77 9.14
N ASN A 16 -2.44 -12.57 9.41
CA ASN A 16 -3.36 -12.04 8.40
C ASN A 16 -2.93 -10.64 7.98
N GLY A 17 -2.50 -9.85 8.96
CA GLY A 17 -2.06 -8.50 8.68
C GLY A 17 -0.89 -8.45 7.73
N LYS A 18 0.03 -9.40 7.89
CA LYS A 18 1.22 -9.47 7.04
C LYS A 18 0.82 -9.65 5.58
N TYR A 19 -0.19 -10.48 5.34
CA TYR A 19 -0.66 -10.73 3.97
C TYR A 19 -1.22 -9.44 3.37
N VAL A 20 -1.91 -8.66 4.18
CA VAL A 20 -2.49 -7.41 3.72
C VAL A 20 -1.41 -6.44 3.24
N TYR A 21 -0.34 -6.34 4.02
CA TYR A 21 0.77 -5.45 3.66
C TYR A 21 1.40 -5.91 2.35
N ARG A 22 1.52 -7.22 2.19
CA ARG A 22 2.10 -7.80 0.99
C ARG A 22 1.29 -7.40 -0.24
N VAL A 23 -0.03 -7.45 -0.12
CA VAL A 23 -0.92 -7.10 -1.22
C VAL A 23 -0.72 -5.65 -1.64
N THR A 24 -0.62 -4.77 -0.66
CA THR A 24 -0.43 -3.35 -0.91
C THR A 24 0.90 -3.08 -1.62
N LYS A 25 1.94 -3.80 -1.21
CA LYS A 25 3.26 -3.64 -1.80
C LYS A 25 3.39 -4.36 -3.15
N ASP A 26 2.31 -4.97 -3.62
CA ASP A 26 2.34 -5.67 -4.91
C ASP A 26 2.64 -4.70 -6.06
N PRO A 27 3.28 -5.18 -7.15
CA PRO A 27 3.60 -4.34 -8.31
C PRO A 27 2.39 -3.62 -8.88
N VAL A 28 1.22 -4.26 -8.83
CA VAL A 28 0.00 -3.66 -9.35
C VAL A 28 -0.30 -2.37 -8.61
N SER A 29 -0.19 -2.41 -7.29
CA SER A 29 -0.44 -1.23 -6.46
C SER A 29 0.53 -0.12 -6.81
N ALA A 30 1.79 -0.49 -7.06
CA ALA A 30 2.81 0.48 -7.40
C ALA A 30 2.45 1.22 -8.67
N VAL A 31 1.88 0.47 -9.61
CA VAL A 31 1.46 1.03 -10.88
C VAL A 31 0.41 2.10 -10.66
N PHE A 32 -0.55 1.80 -9.79
CA PHE A 32 -1.59 2.77 -9.49
C PHE A 32 -0.97 4.00 -8.87
N GLY A 33 0.01 3.78 -7.99
CA GLY A 33 0.69 4.88 -7.32
C GLY A 33 1.50 5.75 -8.28
N VAL A 34 2.22 5.11 -9.19
CA VAL A 34 3.03 5.83 -10.16
C VAL A 34 2.17 6.58 -11.15
N ILE A 35 1.20 5.88 -11.73
CA ILE A 35 0.30 6.48 -12.70
C ILE A 35 -0.53 7.60 -12.05
N SER A 36 -1.11 7.31 -10.89
CA SER A 36 -1.93 8.28 -10.17
C SER A 36 -1.08 9.47 -9.71
N ASN A 37 0.13 9.18 -9.24
CA ASN A 37 1.04 10.22 -8.76
C ASN A 37 2.02 10.62 -9.86
N GLY A 38 1.70 10.32 -11.10
CA GLY A 38 2.57 10.67 -12.21
C GLY A 38 2.79 12.16 -12.32
N TRP A 39 1.72 12.92 -12.09
CA TRP A 39 1.80 14.37 -12.16
C TRP A 39 2.70 14.94 -11.07
N GLY A 40 3.62 15.82 -11.47
CA GLY A 40 4.54 16.40 -10.51
C GLY A 40 3.84 17.38 -9.58
N SER A 41 4.38 17.55 -8.38
CA SER A 41 3.81 18.46 -7.40
C SER A 41 3.79 19.90 -7.92
N ALA A 42 4.88 20.28 -8.58
CA ALA A 42 4.98 21.63 -9.13
C ALA A 42 4.77 22.68 -8.04
N GLY A 43 5.37 22.45 -6.88
CA GLY A 43 5.24 23.38 -5.78
C GLY A 43 4.09 23.05 -4.84
N ALA A 44 3.27 22.09 -5.22
CA ALA A 44 2.12 21.69 -4.40
C ALA A 44 1.82 20.20 -4.54
N GLY A 45 1.35 19.59 -3.46
CA GLY A 45 1.03 18.18 -3.48
C GLY A 45 2.20 17.29 -3.09
N PHE A 46 3.39 17.88 -2.98
CA PHE A 46 4.58 17.14 -2.61
C PHE A 46 4.44 16.56 -1.19
N GLY A 47 4.74 15.28 -1.06
CA GLY A 47 4.65 14.62 0.23
C GLY A 47 6.02 14.29 0.81
N PRO A 48 6.06 13.85 2.08
CA PRO A 48 7.32 13.49 2.75
C PRO A 48 8.07 12.39 2.03
N GLN A 49 9.40 12.50 2.01
CA GLN A 49 10.24 11.50 1.34
C GLN A 49 10.09 10.14 2.00
N HIS A 50 10.01 10.14 3.34
CA HIS A 50 9.88 8.90 4.09
C HIS A 50 8.43 8.44 4.12
N GLU A 1 25.18 1.47 12.70
CA GLU A 1 26.15 0.43 12.26
C GLU A 1 25.62 -0.35 11.07
N TYR A 2 26.36 -0.31 9.97
CA TYR A 2 25.97 -1.01 8.75
C TYR A 2 26.87 -2.21 8.49
N HIS A 3 28.15 -2.07 8.83
CA HIS A 3 29.12 -3.14 8.64
C HIS A 3 29.84 -3.49 9.94
N LEU A 4 29.65 -2.67 10.98
CA LEU A 4 30.30 -2.90 12.26
C LEU A 4 29.83 -4.22 12.87
N MET A 5 28.55 -4.49 12.74
CA MET A 5 27.95 -5.71 13.27
C MET A 5 27.01 -6.34 12.26
N ASN A 6 27.48 -6.50 11.03
CA ASN A 6 26.68 -7.09 9.95
C ASN A 6 25.49 -6.20 9.61
N GLY A 7 25.52 -4.96 10.09
CA GLY A 7 24.44 -4.03 9.83
C GLY A 7 23.18 -4.37 10.57
N ALA A 8 23.32 -5.10 11.67
CA ALA A 8 22.18 -5.49 12.48
C ALA A 8 21.59 -4.27 13.20
N ASN A 9 20.30 -4.02 12.98
CA ASN A 9 19.63 -2.89 13.60
C ASN A 9 18.16 -3.19 13.85
N GLY A 10 17.48 -2.26 14.51
CA GLY A 10 16.07 -2.44 14.81
C GLY A 10 15.26 -2.59 13.54
N TYR A 11 15.61 -1.82 12.51
CA TYR A 11 14.90 -1.89 11.24
C TYR A 11 15.02 -3.28 10.64
N LEU A 12 16.22 -3.85 10.73
CA LEU A 12 16.46 -5.19 10.19
C LEU A 12 15.62 -6.21 10.94
N THR A 13 15.52 -6.03 12.25
CA THR A 13 14.73 -6.94 13.10
C THR A 13 13.25 -6.87 12.73
N ARG A 14 12.77 -5.66 12.47
CA ARG A 14 11.38 -5.44 12.10
C ARG A 14 11.07 -5.85 10.65
N VAL A 15 12.09 -6.30 9.93
CA VAL A 15 11.91 -6.72 8.56
C VAL A 15 10.75 -7.70 8.43
N ASN A 16 10.52 -8.49 9.47
CA ASN A 16 9.42 -9.46 9.44
C ASN A 16 8.11 -8.72 9.25
N GLY A 17 7.97 -7.60 9.95
CA GLY A 17 6.77 -6.80 9.86
C GLY A 17 6.60 -6.21 8.46
N LYS A 18 7.72 -5.83 7.87
CA LYS A 18 7.73 -5.24 6.53
C LYS A 18 7.17 -6.19 5.48
N TYR A 19 7.16 -7.49 5.77
CA TYR A 19 6.64 -8.46 4.81
C TYR A 19 5.18 -8.16 4.49
N VAL A 20 4.42 -7.80 5.51
CA VAL A 20 3.01 -7.48 5.32
C VAL A 20 2.86 -6.24 4.45
N TYR A 21 3.71 -5.25 4.72
CA TYR A 21 3.70 -4.01 3.97
C TYR A 21 4.19 -4.24 2.54
N ARG A 22 5.03 -5.25 2.37
CA ARG A 22 5.58 -5.58 1.06
C ARG A 22 4.45 -5.91 0.11
N VAL A 23 3.44 -6.63 0.61
CA VAL A 23 2.31 -7.00 -0.21
C VAL A 23 1.61 -5.75 -0.73
N THR A 24 1.43 -4.77 0.15
CA THR A 24 0.78 -3.53 -0.21
C THR A 24 1.62 -2.76 -1.24
N LYS A 25 2.94 -2.80 -1.04
CA LYS A 25 3.88 -2.12 -1.91
C LYS A 25 4.16 -2.92 -3.19
N ASP A 26 3.45 -4.01 -3.39
CA ASP A 26 3.65 -4.85 -4.57
C ASP A 26 3.48 -4.01 -5.84
N PRO A 27 4.11 -4.43 -6.95
CA PRO A 27 4.02 -3.71 -8.22
C PRO A 27 2.58 -3.53 -8.70
N VAL A 28 1.69 -4.40 -8.22
CA VAL A 28 0.29 -4.32 -8.61
C VAL A 28 -0.29 -2.97 -8.19
N SER A 29 -0.01 -2.57 -6.95
CA SER A 29 -0.49 -1.30 -6.42
C SER A 29 0.47 -0.16 -6.79
N ALA A 30 1.73 -0.51 -7.03
CA ALA A 30 2.74 0.48 -7.39
C ALA A 30 2.41 1.19 -8.68
N VAL A 31 1.91 0.45 -9.65
CA VAL A 31 1.55 1.05 -10.93
C VAL A 31 0.44 2.07 -10.72
N PHE A 32 -0.48 1.73 -9.83
CA PHE A 32 -1.58 2.62 -9.51
C PHE A 32 -1.01 3.92 -8.95
N GLY A 33 -0.09 3.77 -8.00
CA GLY A 33 0.55 4.91 -7.36
C GLY A 33 1.39 5.73 -8.32
N VAL A 34 2.16 5.07 -9.17
CA VAL A 34 3.00 5.76 -10.13
C VAL A 34 2.16 6.54 -11.12
N ILE A 35 1.15 5.87 -11.68
CA ILE A 35 0.27 6.51 -12.65
C ILE A 35 -0.49 7.68 -12.01
N SER A 36 -1.05 7.45 -10.83
CA SER A 36 -1.80 8.49 -10.13
C SER A 36 -0.89 9.67 -9.77
N ASN A 37 0.32 9.36 -9.32
CA ASN A 37 1.27 10.39 -8.94
C ASN A 37 1.63 11.25 -10.15
N GLY A 38 1.76 10.62 -11.31
CA GLY A 38 2.11 11.35 -12.52
C GLY A 38 1.07 12.40 -12.88
N TRP A 39 -0.20 12.06 -12.69
CA TRP A 39 -1.30 12.97 -12.99
C TRP A 39 -1.18 14.24 -12.14
N GLY A 40 -1.49 15.38 -12.75
CA GLY A 40 -1.41 16.65 -12.04
C GLY A 40 -0.06 17.32 -12.20
N SER A 41 0.73 16.86 -13.16
CA SER A 41 2.06 17.42 -13.40
C SER A 41 1.95 18.90 -13.77
N ALA A 42 0.94 19.24 -14.56
CA ALA A 42 0.73 20.62 -14.99
C ALA A 42 1.95 21.18 -15.71
N GLY A 43 2.71 20.29 -16.36
CA GLY A 43 3.89 20.70 -17.09
C GLY A 43 5.15 20.65 -16.25
N ALA A 44 4.99 20.49 -14.93
CA ALA A 44 6.12 20.43 -14.03
C ALA A 44 7.01 19.23 -14.34
N GLY A 45 6.38 18.11 -14.65
CA GLY A 45 7.12 16.90 -14.97
C GLY A 45 6.26 15.87 -15.68
N PHE A 46 5.50 16.32 -16.67
CA PHE A 46 4.63 15.44 -17.43
C PHE A 46 5.44 14.51 -18.33
N GLY A 47 4.82 13.42 -18.76
CA GLY A 47 5.50 12.47 -19.62
C GLY A 47 6.35 11.49 -18.86
N PRO A 48 7.01 10.55 -19.56
CA PRO A 48 7.87 9.55 -18.93
C PRO A 48 9.16 10.15 -18.40
N GLN A 49 9.72 9.51 -17.37
CA GLN A 49 10.96 9.98 -16.76
C GLN A 49 12.11 9.91 -17.76
N HIS A 50 12.14 8.84 -18.55
CA HIS A 50 13.19 8.65 -19.55
C HIS A 50 12.64 8.85 -20.95
N GLU A 1 -23.06 -12.92 21.34
CA GLU A 1 -21.93 -12.00 21.11
C GLU A 1 -22.26 -10.99 20.01
N TYR A 2 -21.80 -9.75 20.19
CA TYR A 2 -22.05 -8.70 19.22
C TYR A 2 -20.76 -7.99 18.86
N HIS A 3 -20.69 -7.47 17.65
CA HIS A 3 -19.51 -6.76 17.18
C HIS A 3 -19.32 -5.47 17.97
N LEU A 4 -18.06 -5.09 18.21
CA LEU A 4 -17.73 -3.88 18.97
C LEU A 4 -17.88 -4.10 20.47
N MET A 5 -19.05 -4.57 20.88
CA MET A 5 -19.33 -4.83 22.29
C MET A 5 -18.35 -5.86 22.83
N ASN A 6 -18.25 -6.97 22.11
CA ASN A 6 -17.35 -8.05 22.48
C ASN A 6 -16.25 -8.19 21.44
N GLY A 7 -16.46 -7.57 20.27
CA GLY A 7 -15.49 -7.62 19.21
C GLY A 7 -15.41 -8.99 18.57
N ALA A 8 -16.51 -9.72 18.60
CA ALA A 8 -16.57 -11.05 18.02
C ALA A 8 -16.30 -11.00 16.51
N ASN A 9 -15.68 -12.06 16.00
CA ASN A 9 -15.36 -12.15 14.58
C ASN A 9 -14.53 -10.95 14.13
N GLY A 10 -13.60 -10.54 14.99
CA GLY A 10 -12.75 -9.41 14.68
C GLY A 10 -11.89 -9.65 13.46
N TYR A 11 -11.37 -10.87 13.33
CA TYR A 11 -10.52 -11.22 12.20
C TYR A 11 -11.31 -11.19 10.88
N LEU A 12 -12.56 -11.64 10.93
CA LEU A 12 -13.40 -11.67 9.75
C LEU A 12 -13.66 -10.25 9.22
N THR A 13 -13.88 -9.31 10.13
CA THR A 13 -14.15 -7.93 9.74
C THR A 13 -12.87 -7.23 9.29
N ARG A 14 -11.74 -7.58 9.90
CA ARG A 14 -10.45 -6.98 9.56
C ARG A 14 -9.85 -7.63 8.32
N VAL A 15 -10.46 -8.71 7.84
CA VAL A 15 -9.95 -9.40 6.66
C VAL A 15 -9.76 -8.43 5.50
N ASN A 16 -10.55 -7.36 5.49
CA ASN A 16 -10.47 -6.37 4.43
C ASN A 16 -9.08 -5.72 4.43
N GLY A 17 -8.56 -5.45 5.63
CA GLY A 17 -7.26 -4.83 5.75
C GLY A 17 -6.17 -5.69 5.16
N LYS A 18 -6.26 -7.00 5.39
CA LYS A 18 -5.27 -7.94 4.88
C LYS A 18 -5.26 -7.92 3.36
N TYR A 19 -6.46 -7.83 2.77
CA TYR A 19 -6.60 -7.79 1.32
C TYR A 19 -5.85 -6.60 0.74
N VAL A 20 -6.06 -5.43 1.35
CA VAL A 20 -5.41 -4.21 0.90
C VAL A 20 -3.89 -4.32 0.98
N TYR A 21 -3.38 -4.85 2.09
CA TYR A 21 -1.94 -5.00 2.26
C TYR A 21 -1.38 -5.96 1.22
N ARG A 22 -2.12 -7.02 0.92
CA ARG A 22 -1.69 -8.00 -0.06
C ARG A 22 -1.49 -7.37 -1.43
N VAL A 23 -2.45 -6.55 -1.86
CA VAL A 23 -2.37 -5.89 -3.14
C VAL A 23 -1.28 -4.81 -3.14
N THR A 24 -1.07 -4.21 -1.98
CA THR A 24 -0.07 -3.16 -1.84
C THR A 24 1.32 -3.71 -2.16
N LYS A 25 1.61 -4.89 -1.62
CA LYS A 25 2.90 -5.55 -1.83
C LYS A 25 3.11 -5.85 -3.31
N ASP A 26 2.03 -6.24 -3.99
CA ASP A 26 2.10 -6.57 -5.40
C ASP A 26 2.48 -5.35 -6.24
N PRO A 27 3.13 -5.56 -7.40
CA PRO A 27 3.54 -4.47 -8.28
C PRO A 27 2.37 -3.70 -8.87
N VAL A 28 1.19 -4.31 -8.85
CA VAL A 28 -0.02 -3.67 -9.38
C VAL A 28 -0.31 -2.37 -8.64
N SER A 29 -0.20 -2.42 -7.31
CA SER A 29 -0.44 -1.25 -6.48
C SER A 29 0.54 -0.14 -6.82
N ALA A 30 1.79 -0.49 -7.05
CA ALA A 30 2.82 0.49 -7.38
C ALA A 30 2.46 1.20 -8.66
N VAL A 31 1.91 0.46 -9.60
CA VAL A 31 1.50 1.02 -10.87
C VAL A 31 0.44 2.08 -10.67
N PHE A 32 -0.52 1.78 -9.80
CA PHE A 32 -1.57 2.73 -9.51
C PHE A 32 -0.96 3.98 -8.90
N GLY A 33 0.01 3.77 -8.02
CA GLY A 33 0.68 4.88 -7.37
C GLY A 33 1.48 5.74 -8.33
N VAL A 34 2.24 5.10 -9.21
CA VAL A 34 3.04 5.83 -10.18
C VAL A 34 2.16 6.58 -11.15
N ILE A 35 1.17 5.87 -11.70
CA ILE A 35 0.25 6.48 -12.65
C ILE A 35 -0.56 7.60 -12.00
N SER A 36 -1.10 7.35 -10.82
CA SER A 36 -1.88 8.35 -10.10
C SER A 36 -1.03 9.56 -9.72
N ASN A 37 0.19 9.30 -9.28
CA ASN A 37 1.10 10.38 -8.90
C ASN A 37 1.42 11.28 -10.09
N GLY A 38 1.58 10.67 -11.25
CA GLY A 38 1.88 11.43 -12.46
C GLY A 38 3.32 11.87 -12.53
N TRP A 39 4.18 11.23 -11.74
CA TRP A 39 5.60 11.55 -11.71
C TRP A 39 5.80 13.06 -11.53
N GLY A 40 5.14 13.64 -10.53
CA GLY A 40 5.27 15.05 -10.27
C GLY A 40 6.69 15.45 -9.94
N SER A 41 7.36 14.62 -9.15
CA SER A 41 8.74 14.89 -8.75
C SER A 41 9.66 14.94 -9.96
N ALA A 42 9.45 14.02 -10.90
CA ALA A 42 10.26 13.95 -12.10
C ALA A 42 11.67 13.46 -11.79
N GLY A 43 11.78 12.54 -10.84
CA GLY A 43 13.07 11.99 -10.47
C GLY A 43 13.52 12.42 -9.09
N ALA A 44 13.11 13.61 -8.67
CA ALA A 44 13.49 14.13 -7.35
C ALA A 44 13.00 15.56 -7.12
N GLY A 45 12.00 15.98 -7.89
CA GLY A 45 11.47 17.33 -7.74
C GLY A 45 10.81 17.56 -6.38
N PHE A 46 10.08 16.57 -5.90
CA PHE A 46 9.39 16.65 -4.62
C PHE A 46 8.59 17.94 -4.53
N GLY A 47 7.91 18.28 -5.61
CA GLY A 47 7.11 19.48 -5.64
C GLY A 47 7.95 20.73 -5.89
N PRO A 48 7.32 21.91 -5.86
CA PRO A 48 8.04 23.18 -6.10
C PRO A 48 9.20 23.37 -5.13
N GLN A 49 10.33 23.83 -5.66
CA GLN A 49 11.52 24.06 -4.84
C GLN A 49 11.27 25.17 -3.82
N HIS A 50 10.57 26.21 -4.25
CA HIS A 50 10.27 27.34 -3.37
C HIS A 50 9.33 26.91 -2.24
N GLU A 1 -27.59 -17.06 7.57
CA GLU A 1 -26.89 -17.17 8.88
C GLU A 1 -26.39 -15.81 9.34
N TYR A 2 -26.72 -15.45 10.57
CA TYR A 2 -26.29 -14.17 11.13
C TYR A 2 -25.25 -14.39 12.22
N HIS A 3 -25.44 -15.44 13.01
CA HIS A 3 -24.51 -15.76 14.09
C HIS A 3 -24.72 -17.20 14.60
N LEU A 4 -25.43 -18.02 13.82
CA LEU A 4 -25.70 -19.39 14.21
C LEU A 4 -24.40 -20.18 14.29
N MET A 5 -23.51 -19.92 13.33
CA MET A 5 -22.22 -20.60 13.27
C MET A 5 -21.17 -19.68 12.65
N ASN A 6 -21.19 -19.59 11.33
CA ASN A 6 -20.24 -18.75 10.60
C ASN A 6 -20.86 -17.40 10.21
N GLY A 7 -22.07 -17.14 10.68
CA GLY A 7 -22.73 -15.89 10.34
C GLY A 7 -21.95 -14.68 10.82
N ALA A 8 -21.38 -14.78 12.02
CA ALA A 8 -20.61 -13.69 12.59
C ALA A 8 -19.38 -13.38 11.73
N ASN A 9 -19.05 -12.10 11.63
CA ASN A 9 -17.89 -11.66 10.83
C ASN A 9 -16.64 -11.63 11.70
N GLY A 10 -15.80 -12.65 11.56
CA GLY A 10 -14.58 -12.72 12.33
C GLY A 10 -13.37 -13.05 11.48
N TYR A 11 -13.32 -14.28 10.99
CA TYR A 11 -12.22 -14.73 10.15
C TYR A 11 -12.16 -13.92 8.86
N LEU A 12 -13.32 -13.62 8.30
CA LEU A 12 -13.40 -12.85 7.07
C LEU A 12 -12.81 -11.46 7.27
N THR A 13 -13.08 -10.89 8.43
CA THR A 13 -12.58 -9.55 8.75
C THR A 13 -11.05 -9.53 8.75
N ARG A 14 -10.44 -10.54 9.37
CA ARG A 14 -8.99 -10.63 9.43
C ARG A 14 -8.41 -10.81 8.04
N VAL A 15 -9.11 -11.58 7.24
CA VAL A 15 -8.69 -11.82 5.87
C VAL A 15 -8.64 -10.51 5.11
N ASN A 16 -9.61 -9.65 5.40
CA ASN A 16 -9.68 -8.35 4.75
C ASN A 16 -8.47 -7.50 5.09
N GLY A 17 -8.04 -7.56 6.35
CA GLY A 17 -6.89 -6.78 6.77
C GLY A 17 -5.61 -7.17 6.05
N LYS A 18 -5.37 -8.48 5.92
CA LYS A 18 -4.17 -8.96 5.25
C LYS A 18 -4.23 -8.71 3.74
N TYR A 19 -5.45 -8.57 3.22
CA TYR A 19 -5.64 -8.32 1.80
C TYR A 19 -4.96 -7.03 1.35
N VAL A 20 -5.17 -5.96 2.12
CA VAL A 20 -4.56 -4.66 1.81
C VAL A 20 -3.05 -4.79 1.72
N TYR A 21 -2.48 -5.60 2.60
CA TYR A 21 -1.04 -5.81 2.62
C TYR A 21 -0.58 -6.47 1.33
N ARG A 22 -1.37 -7.43 0.86
CA ARG A 22 -1.06 -8.14 -0.37
C ARG A 22 -1.01 -7.19 -1.56
N VAL A 23 -2.00 -6.30 -1.63
CA VAL A 23 -2.07 -5.34 -2.72
C VAL A 23 -0.85 -4.42 -2.73
N THR A 24 -0.50 -3.90 -1.55
CA THR A 24 0.65 -3.02 -1.43
C THR A 24 1.95 -3.72 -1.80
N LYS A 25 2.10 -4.95 -1.32
CA LYS A 25 3.29 -5.75 -1.59
C LYS A 25 3.45 -6.01 -3.08
N ASP A 26 2.34 -6.31 -3.75
CA ASP A 26 2.36 -6.59 -5.18
C ASP A 26 2.70 -5.33 -5.99
N PRO A 27 3.34 -5.51 -7.16
CA PRO A 27 3.73 -4.38 -8.03
C PRO A 27 2.53 -3.68 -8.67
N VAL A 28 1.37 -4.33 -8.62
CA VAL A 28 0.16 -3.75 -9.20
C VAL A 28 -0.19 -2.43 -8.54
N SER A 29 -0.13 -2.41 -7.21
CA SER A 29 -0.44 -1.19 -6.46
C SER A 29 0.55 -0.09 -6.80
N ALA A 30 1.80 -0.48 -7.07
CA ALA A 30 2.83 0.49 -7.41
C ALA A 30 2.46 1.21 -8.69
N VAL A 31 1.89 0.47 -9.61
CA VAL A 31 1.46 1.03 -10.88
C VAL A 31 0.42 2.10 -10.66
N PHE A 32 -0.54 1.80 -9.79
CA PHE A 32 -1.59 2.76 -9.49
C PHE A 32 -0.97 4.00 -8.87
N GLY A 33 0.02 3.78 -7.99
CA GLY A 33 0.70 4.88 -7.33
C GLY A 33 1.50 5.73 -8.28
N VAL A 34 2.22 5.10 -9.20
CA VAL A 34 3.03 5.83 -10.17
C VAL A 34 2.16 6.58 -11.15
N ILE A 35 1.19 5.88 -11.72
CA ILE A 35 0.28 6.49 -12.69
C ILE A 35 -0.54 7.60 -12.04
N SER A 36 -1.12 7.30 -10.87
CA SER A 36 -1.93 8.27 -10.16
C SER A 36 -1.09 9.46 -9.70
N ASN A 37 0.12 9.17 -9.22
CA ASN A 37 1.03 10.21 -8.76
C ASN A 37 2.01 10.63 -9.85
N GLY A 38 1.68 10.32 -11.09
CA GLY A 38 2.55 10.68 -12.20
C GLY A 38 2.75 12.17 -12.31
N TRP A 39 1.68 12.92 -12.08
CA TRP A 39 1.74 14.38 -12.15
C TRP A 39 2.39 14.97 -10.90
N GLY A 40 3.24 15.97 -11.09
CA GLY A 40 3.91 16.59 -9.97
C GLY A 40 5.06 15.76 -9.42
N SER A 41 5.50 14.78 -10.20
CA SER A 41 6.59 13.90 -9.78
C SER A 41 7.87 14.71 -9.56
N ALA A 42 8.14 15.63 -10.46
CA ALA A 42 9.33 16.47 -10.38
C ALA A 42 10.59 15.63 -10.53
N GLY A 43 10.46 14.45 -11.14
CA GLY A 43 11.59 13.57 -11.34
C GLY A 43 11.40 12.67 -12.54
N ALA A 44 10.62 11.61 -12.36
CA ALA A 44 10.36 10.67 -13.44
C ALA A 44 9.02 10.97 -14.11
N GLY A 45 8.01 11.27 -13.30
CA GLY A 45 6.70 11.57 -13.84
C GLY A 45 6.70 12.80 -14.73
N PHE A 46 7.45 13.81 -14.33
CA PHE A 46 7.54 15.06 -15.08
C PHE A 46 8.89 15.16 -15.79
N GLY A 47 8.85 15.40 -17.10
CA GLY A 47 10.08 15.53 -17.86
C GLY A 47 10.88 14.24 -17.93
N PRO A 48 10.26 13.09 -18.25
CA PRO A 48 10.96 11.81 -18.33
C PRO A 48 11.90 11.74 -19.53
N GLN A 49 12.96 10.94 -19.41
CA GLN A 49 13.93 10.78 -20.49
C GLN A 49 14.47 12.14 -20.93
N HIS A 50 14.78 12.99 -19.95
CA HIS A 50 15.30 14.32 -20.23
C HIS A 50 15.92 14.94 -18.98
N GLU A 1 -14.61 -23.80 22.68
CA GLU A 1 -14.03 -22.45 22.87
C GLU A 1 -12.89 -22.21 21.88
N TYR A 2 -12.50 -20.94 21.73
CA TYR A 2 -11.42 -20.57 20.82
C TYR A 2 -11.65 -21.16 19.42
N HIS A 3 -10.92 -22.24 19.08
CA HIS A 3 -11.07 -22.86 17.77
C HIS A 3 -11.79 -24.21 17.86
N LEU A 4 -12.01 -24.70 19.08
CA LEU A 4 -12.68 -25.97 19.28
C LEU A 4 -14.11 -25.94 18.75
N MET A 5 -14.79 -24.83 18.96
CA MET A 5 -16.17 -24.68 18.50
C MET A 5 -16.43 -23.26 17.99
N ASN A 6 -15.58 -22.78 17.09
CA ASN A 6 -15.73 -21.45 16.53
C ASN A 6 -15.87 -20.41 17.63
N GLY A 7 -15.10 -20.59 18.68
CA GLY A 7 -15.14 -19.67 19.81
C GLY A 7 -14.75 -18.26 19.41
N ALA A 8 -13.75 -18.13 18.56
CA ALA A 8 -13.28 -16.83 18.11
C ALA A 8 -12.69 -16.92 16.70
N ASN A 9 -12.79 -15.82 15.96
CA ASN A 9 -12.27 -15.76 14.59
C ASN A 9 -11.08 -14.82 14.51
N GLY A 10 -10.37 -14.70 15.61
CA GLY A 10 -9.20 -13.83 15.66
C GLY A 10 -8.13 -14.24 14.67
N TYR A 11 -7.91 -15.55 14.57
CA TYR A 11 -6.90 -16.07 13.65
C TYR A 11 -7.30 -15.78 12.21
N LEU A 12 -8.58 -15.94 11.91
CA LEU A 12 -9.08 -15.69 10.57
C LEU A 12 -8.93 -14.22 10.19
N THR A 13 -9.18 -13.35 11.15
CA THR A 13 -9.06 -11.92 10.94
C THR A 13 -7.61 -11.52 10.67
N ARG A 14 -6.69 -12.09 11.44
CA ARG A 14 -5.28 -11.80 11.29
C ARG A 14 -4.77 -12.19 9.90
N VAL A 15 -5.15 -13.39 9.45
CA VAL A 15 -4.72 -13.86 8.13
C VAL A 15 -5.39 -13.05 7.02
N ASN A 16 -6.61 -12.61 7.26
CA ASN A 16 -7.33 -11.82 6.27
C ASN A 16 -6.55 -10.54 5.98
N GLY A 17 -6.03 -9.94 7.05
CA GLY A 17 -5.25 -8.73 6.92
C GLY A 17 -4.02 -8.93 6.07
N LYS A 18 -3.43 -10.11 6.19
CA LYS A 18 -2.22 -10.46 5.44
C LYS A 18 -2.51 -10.34 3.94
N TYR A 19 -3.70 -10.77 3.54
CA TYR A 19 -4.10 -10.72 2.14
C TYR A 19 -4.08 -9.28 1.63
N VAL A 20 -4.66 -8.37 2.41
CA VAL A 20 -4.70 -6.97 2.04
C VAL A 20 -3.31 -6.38 1.90
N TYR A 21 -2.43 -6.69 2.86
CA TYR A 21 -1.07 -6.19 2.83
C TYR A 21 -0.35 -6.70 1.59
N ARG A 22 -0.60 -7.97 1.25
CA ARG A 22 0.03 -8.58 0.09
C ARG A 22 -0.35 -7.82 -1.17
N VAL A 23 -1.62 -7.46 -1.29
CA VAL A 23 -2.11 -6.74 -2.45
C VAL A 23 -1.42 -5.38 -2.58
N THR A 24 -1.28 -4.68 -1.47
CA THR A 24 -0.63 -3.37 -1.48
C THR A 24 0.84 -3.47 -1.91
N LYS A 25 1.53 -4.49 -1.38
CA LYS A 25 2.94 -4.70 -1.71
C LYS A 25 3.13 -5.23 -3.13
N ASP A 26 2.05 -5.67 -3.77
CA ASP A 26 2.14 -6.19 -5.13
C ASP A 26 2.49 -5.09 -6.13
N PRO A 27 3.19 -5.43 -7.24
CA PRO A 27 3.59 -4.45 -8.26
C PRO A 27 2.41 -3.68 -8.84
N VAL A 28 1.23 -4.30 -8.83
CA VAL A 28 0.03 -3.68 -9.36
C VAL A 28 -0.28 -2.38 -8.62
N SER A 29 -0.18 -2.42 -7.30
CA SER A 29 -0.44 -1.25 -6.48
C SER A 29 0.54 -0.13 -6.81
N ALA A 30 1.79 -0.49 -7.05
CA ALA A 30 2.81 0.48 -7.38
C ALA A 30 2.45 1.21 -8.66
N VAL A 31 1.90 0.46 -9.60
CA VAL A 31 1.49 1.04 -10.88
C VAL A 31 0.43 2.09 -10.66
N PHE A 32 -0.53 1.79 -9.79
CA PHE A 32 -1.59 2.74 -9.50
C PHE A 32 -0.97 3.99 -8.88
N GLY A 33 0.01 3.78 -8.01
CA GLY A 33 0.68 4.88 -7.36
C GLY A 33 1.48 5.74 -8.31
N VAL A 34 2.24 5.11 -9.20
CA VAL A 34 3.04 5.83 -10.17
C VAL A 34 2.17 6.58 -11.15
N ILE A 35 1.19 5.88 -11.71
CA ILE A 35 0.27 6.48 -12.67
C ILE A 35 -0.56 7.60 -12.01
N SER A 36 -1.09 7.31 -10.83
CA SER A 36 -1.90 8.29 -10.10
C SER A 36 -1.07 9.51 -9.71
N ASN A 37 0.17 9.27 -9.29
CA ASN A 37 1.06 10.36 -8.88
C ASN A 37 1.88 10.88 -10.05
N GLY A 38 1.66 10.33 -11.24
CA GLY A 38 2.42 10.78 -12.40
C GLY A 38 3.91 10.57 -12.22
N TRP A 39 4.69 11.63 -12.38
CA TRP A 39 6.13 11.56 -12.24
C TRP A 39 6.73 10.57 -13.23
N GLY A 40 6.22 10.59 -14.46
CA GLY A 40 6.72 9.69 -15.48
C GLY A 40 8.10 10.07 -15.97
N SER A 41 8.79 9.12 -16.60
CA SER A 41 10.13 9.36 -17.12
C SER A 41 10.13 10.46 -18.17
N ALA A 42 9.18 10.39 -19.09
CA ALA A 42 9.09 11.38 -20.15
C ALA A 42 10.40 11.50 -20.92
N GLY A 43 11.01 10.35 -21.20
CA GLY A 43 12.27 10.33 -21.93
C GLY A 43 13.50 10.29 -21.03
N ALA A 44 13.30 10.49 -19.74
CA ALA A 44 14.41 10.47 -18.78
C ALA A 44 13.96 10.00 -17.41
N GLY A 45 14.83 9.28 -16.71
CA GLY A 45 14.48 8.80 -15.38
C GLY A 45 13.87 7.41 -15.40
N PHE A 46 13.55 6.91 -16.59
CA PHE A 46 12.96 5.57 -16.73
C PHE A 46 13.77 4.55 -15.96
N GLY A 47 13.06 3.66 -15.25
CA GLY A 47 13.74 2.63 -14.47
C GLY A 47 14.60 1.70 -15.32
N PRO A 48 14.09 1.18 -16.45
CA PRO A 48 14.86 0.28 -17.32
C PRO A 48 16.15 0.93 -17.82
N GLN A 49 17.21 0.13 -17.91
CA GLN A 49 18.51 0.63 -18.37
C GLN A 49 18.41 1.12 -19.81
N HIS A 50 17.67 0.39 -20.63
CA HIS A 50 17.50 0.75 -22.03
C HIS A 50 16.33 1.71 -22.21
N GLU A 1 -1.29 -31.52 12.16
CA GLU A 1 -2.56 -31.27 12.89
C GLU A 1 -3.74 -31.94 12.18
N TYR A 2 -4.19 -33.04 12.76
CA TYR A 2 -5.31 -33.80 12.20
C TYR A 2 -6.59 -32.95 12.15
N HIS A 3 -6.91 -32.33 13.28
CA HIS A 3 -8.11 -31.49 13.39
C HIS A 3 -8.31 -31.03 14.83
N LEU A 4 -8.21 -31.96 15.77
CA LEU A 4 -8.38 -31.65 17.18
C LEU A 4 -7.32 -30.69 17.68
N MET A 5 -6.10 -30.86 17.18
CA MET A 5 -5.00 -29.99 17.57
C MET A 5 -5.32 -28.54 17.23
N ASN A 6 -5.82 -28.33 16.02
CA ASN A 6 -6.18 -27.00 15.57
C ASN A 6 -6.99 -27.06 14.27
N GLY A 7 -6.67 -28.04 13.43
CA GLY A 7 -7.38 -28.20 12.18
C GLY A 7 -7.12 -27.05 11.23
N ALA A 8 -5.93 -26.46 11.33
CA ALA A 8 -5.54 -25.34 10.48
C ALA A 8 -6.52 -24.18 10.64
N ASN A 9 -6.89 -23.90 11.89
CA ASN A 9 -7.82 -22.81 12.19
C ASN A 9 -7.17 -21.77 13.09
N GLY A 10 -7.15 -20.55 12.61
CA GLY A 10 -6.56 -19.45 13.36
C GLY A 10 -5.19 -19.10 12.83
N TYR A 11 -4.52 -20.07 12.22
CA TYR A 11 -3.20 -19.85 11.67
C TYR A 11 -3.30 -18.92 10.46
N LEU A 12 -4.34 -19.17 9.66
CA LEU A 12 -4.59 -18.38 8.46
C LEU A 12 -4.94 -16.94 8.84
N THR A 13 -5.72 -16.81 9.92
CA THR A 13 -6.14 -15.51 10.40
C THR A 13 -4.94 -14.63 10.80
N ARG A 14 -4.01 -15.20 11.55
CA ARG A 14 -2.83 -14.44 11.99
C ARG A 14 -1.99 -13.99 10.80
N VAL A 15 -1.83 -14.87 9.82
CA VAL A 15 -1.06 -14.54 8.64
C VAL A 15 -1.89 -13.73 7.66
N ASN A 16 -3.19 -13.58 7.95
CA ASN A 16 -4.07 -12.82 7.06
C ASN A 16 -3.56 -11.39 6.94
N GLY A 17 -3.24 -10.79 8.08
CA GLY A 17 -2.74 -9.42 8.07
C GLY A 17 -1.43 -9.33 7.32
N LYS A 18 -0.60 -10.35 7.49
CA LYS A 18 0.70 -10.43 6.84
C LYS A 18 0.54 -10.41 5.31
N TYR A 19 -0.38 -11.22 4.81
CA TYR A 19 -0.61 -11.28 3.37
C TYR A 19 -1.18 -9.97 2.85
N VAL A 20 -2.06 -9.36 3.63
CA VAL A 20 -2.67 -8.09 3.24
C VAL A 20 -1.62 -7.00 3.11
N TYR A 21 -0.70 -6.96 4.06
CA TYR A 21 0.37 -5.97 4.05
C TYR A 21 1.19 -6.11 2.77
N ARG A 22 1.55 -7.34 2.44
CA ARG A 22 2.35 -7.63 1.25
C ARG A 22 1.61 -7.19 0.00
N VAL A 23 0.30 -7.42 -0.03
CA VAL A 23 -0.53 -7.05 -1.17
C VAL A 23 -0.47 -5.54 -1.45
N THR A 24 -0.44 -4.75 -0.38
CA THR A 24 -0.38 -3.31 -0.53
C THR A 24 0.88 -2.87 -1.26
N LYS A 25 2.00 -3.54 -0.96
CA LYS A 25 3.28 -3.22 -1.60
C LYS A 25 3.50 -4.00 -2.90
N ASP A 26 2.49 -4.73 -3.36
CA ASP A 26 2.63 -5.50 -4.60
C ASP A 26 2.89 -4.57 -5.79
N PRO A 27 3.50 -5.10 -6.87
CA PRO A 27 3.80 -4.32 -8.09
C PRO A 27 2.58 -3.66 -8.71
N VAL A 28 1.44 -4.34 -8.65
CA VAL A 28 0.21 -3.81 -9.22
C VAL A 28 -0.17 -2.49 -8.55
N SER A 29 -0.11 -2.46 -7.24
CA SER A 29 -0.45 -1.26 -6.48
C SER A 29 0.54 -0.14 -6.81
N ALA A 30 1.79 -0.50 -7.05
CA ALA A 30 2.81 0.48 -7.37
C ALA A 30 2.45 1.20 -8.65
N VAL A 31 1.90 0.45 -9.60
CA VAL A 31 1.50 1.03 -10.88
C VAL A 31 0.43 2.08 -10.67
N PHE A 32 -0.53 1.77 -9.80
CA PHE A 32 -1.59 2.72 -9.51
C PHE A 32 -0.98 3.97 -8.91
N GLY A 33 -0.01 3.78 -8.02
CA GLY A 33 0.65 4.89 -7.38
C GLY A 33 1.46 5.74 -8.33
N VAL A 34 2.21 5.09 -9.21
CA VAL A 34 3.04 5.80 -10.18
C VAL A 34 2.17 6.57 -11.16
N ILE A 35 1.17 5.88 -11.71
CA ILE A 35 0.26 6.49 -12.67
C ILE A 35 -0.54 7.63 -12.03
N SER A 36 -1.08 7.38 -10.84
CA SER A 36 -1.87 8.38 -10.11
C SER A 36 -1.02 9.57 -9.69
N ASN A 37 0.22 9.31 -9.28
CA ASN A 37 1.12 10.37 -8.84
C ASN A 37 2.08 10.79 -9.96
N GLY A 38 1.83 10.33 -11.18
CA GLY A 38 2.71 10.67 -12.27
C GLY A 38 2.77 12.17 -12.51
N TRP A 39 3.98 12.70 -12.55
CA TRP A 39 4.18 14.13 -12.78
C TRP A 39 3.45 14.96 -11.73
N GLY A 40 3.57 14.52 -10.47
CA GLY A 40 2.92 15.22 -9.38
C GLY A 40 3.41 16.64 -9.20
N SER A 41 4.72 16.85 -9.37
CA SER A 41 5.30 18.17 -9.23
C SER A 41 4.72 19.16 -10.23
N ALA A 42 4.62 18.74 -11.49
CA ALA A 42 4.07 19.58 -12.54
C ALA A 42 4.73 20.97 -12.52
N GLY A 43 4.04 21.97 -11.97
CA GLY A 43 4.59 23.31 -11.92
C GLY A 43 5.85 23.39 -11.06
N ALA A 44 5.83 22.71 -9.91
CA ALA A 44 6.97 22.70 -9.00
C ALA A 44 6.79 21.67 -7.90
N GLY A 45 7.77 21.62 -6.99
CA GLY A 45 7.70 20.67 -5.89
C GLY A 45 8.59 19.46 -6.09
N PHE A 46 9.05 19.26 -7.32
CA PHE A 46 9.90 18.12 -7.64
C PHE A 46 11.16 18.14 -6.78
N GLY A 47 11.72 16.96 -6.54
CA GLY A 47 12.93 16.85 -5.73
C GLY A 47 14.19 17.15 -6.52
N PRO A 48 15.35 17.14 -5.86
CA PRO A 48 16.64 17.41 -6.51
C PRO A 48 17.05 16.28 -7.45
N GLN A 49 17.82 16.62 -8.48
CA GLN A 49 18.29 15.64 -9.45
C GLN A 49 19.17 14.59 -8.77
N HIS A 50 20.04 15.04 -7.87
CA HIS A 50 20.94 14.14 -7.16
C HIS A 50 20.90 14.42 -5.65
N GLU A 1 -15.34 -14.50 28.62
CA GLU A 1 -15.45 -13.85 27.29
C GLU A 1 -16.81 -13.17 27.13
N TYR A 2 -16.79 -11.93 26.63
CA TYR A 2 -18.02 -11.17 26.42
C TYR A 2 -18.08 -10.63 25.00
N HIS A 3 -19.30 -10.52 24.47
CA HIS A 3 -19.50 -10.01 23.12
C HIS A 3 -19.26 -8.51 23.06
N LEU A 4 -18.87 -8.03 21.88
CA LEU A 4 -18.59 -6.61 21.68
C LEU A 4 -17.46 -6.14 22.59
N MET A 5 -16.68 -7.09 23.10
CA MET A 5 -15.56 -6.77 23.98
C MET A 5 -14.37 -7.67 23.67
N ASN A 6 -14.40 -8.88 24.20
CA ASN A 6 -13.33 -9.85 23.97
C ASN A 6 -13.71 -10.87 22.89
N GLY A 7 -14.90 -10.70 22.31
CA GLY A 7 -15.35 -11.60 21.28
C GLY A 7 -14.99 -11.16 19.88
N ALA A 8 -14.15 -10.14 19.79
CA ALA A 8 -13.72 -9.61 18.50
C ALA A 8 -13.03 -10.69 17.67
N ASN A 9 -13.29 -10.69 16.37
CA ASN A 9 -12.69 -11.67 15.47
C ASN A 9 -11.40 -11.17 14.86
N GLY A 10 -10.29 -11.47 15.53
CA GLY A 10 -8.99 -11.05 15.04
C GLY A 10 -8.65 -11.64 13.69
N TYR A 11 -8.98 -12.91 13.52
CA TYR A 11 -8.73 -13.61 12.26
C TYR A 11 -9.56 -12.98 11.16
N LEU A 12 -10.79 -12.62 11.50
CA LEU A 12 -11.71 -12.00 10.57
C LEU A 12 -11.13 -10.70 10.03
N THR A 13 -10.59 -9.89 10.94
CA THR A 13 -9.99 -8.62 10.58
C THR A 13 -8.78 -8.82 9.68
N ARG A 14 -7.97 -9.81 10.02
CA ARG A 14 -6.77 -10.12 9.25
C ARG A 14 -7.11 -10.50 7.81
N VAL A 15 -8.12 -11.35 7.65
CA VAL A 15 -8.52 -11.78 6.31
C VAL A 15 -9.19 -10.65 5.54
N ASN A 16 -9.89 -9.77 6.25
CA ASN A 16 -10.56 -8.65 5.61
C ASN A 16 -9.54 -7.73 4.94
N GLY A 17 -8.42 -7.53 5.60
CA GLY A 17 -7.37 -6.68 5.06
C GLY A 17 -6.34 -7.45 4.25
N LYS A 18 -6.54 -8.75 4.16
CA LYS A 18 -5.62 -9.61 3.40
C LYS A 18 -5.56 -9.20 1.94
N TYR A 19 -6.72 -8.93 1.36
CA TYR A 19 -6.79 -8.52 -0.04
C TYR A 19 -6.00 -7.25 -0.28
N VAL A 20 -6.23 -6.24 0.57
CA VAL A 20 -5.53 -4.97 0.46
C VAL A 20 -4.02 -5.14 0.62
N TYR A 21 -3.64 -5.94 1.61
CA TYR A 21 -2.23 -6.19 1.88
C TYR A 21 -1.55 -6.80 0.66
N ARG A 22 -2.19 -7.82 0.09
CA ARG A 22 -1.67 -8.50 -1.08
C ARG A 22 -1.51 -7.54 -2.25
N VAL A 23 -2.54 -6.71 -2.48
CA VAL A 23 -2.51 -5.75 -3.57
C VAL A 23 -1.35 -4.77 -3.41
N THR A 24 -1.20 -4.23 -2.20
CA THR A 24 -0.13 -3.27 -1.91
C THR A 24 1.24 -3.91 -2.12
N LYS A 25 1.40 -5.12 -1.61
CA LYS A 25 2.67 -5.84 -1.73
C LYS A 25 3.03 -6.09 -3.19
N ASP A 26 2.03 -6.46 -3.99
CA ASP A 26 2.24 -6.73 -5.41
C ASP A 26 2.57 -5.45 -6.18
N PRO A 27 3.37 -5.55 -7.27
CA PRO A 27 3.75 -4.40 -8.10
C PRO A 27 2.55 -3.68 -8.72
N VAL A 28 1.40 -4.34 -8.72
CA VAL A 28 0.19 -3.75 -9.29
C VAL A 28 -0.18 -2.45 -8.59
N SER A 29 -0.13 -2.44 -7.27
CA SER A 29 -0.45 -1.25 -6.50
C SER A 29 0.53 -0.12 -6.82
N ALA A 30 1.78 -0.50 -7.07
CA ALA A 30 2.81 0.48 -7.38
C ALA A 30 2.46 1.20 -8.66
N VAL A 31 1.90 0.47 -9.59
CA VAL A 31 1.50 1.03 -10.88
C VAL A 31 0.43 2.09 -10.66
N PHE A 32 -0.52 1.78 -9.79
CA PHE A 32 -1.58 2.74 -9.50
C PHE A 32 -0.96 3.99 -8.88
N GLY A 33 0.02 3.78 -8.01
CA GLY A 33 0.69 4.89 -7.36
C GLY A 33 1.48 5.75 -8.32
N VAL A 34 2.25 5.11 -9.20
CA VAL A 34 3.05 5.83 -10.18
C VAL A 34 2.17 6.58 -11.15
N ILE A 35 1.18 5.88 -11.70
CA ILE A 35 0.25 6.47 -12.65
C ILE A 35 -0.56 7.60 -12.01
N SER A 36 -1.09 7.34 -10.82
CA SER A 36 -1.88 8.34 -10.11
C SER A 36 -1.04 9.54 -9.73
N ASN A 37 0.19 9.30 -9.30
CA ASN A 37 1.08 10.39 -8.91
C ASN A 37 1.38 11.29 -10.10
N GLY A 38 1.56 10.68 -11.27
CA GLY A 38 1.84 11.45 -12.47
C GLY A 38 3.24 12.05 -12.45
N TRP A 39 4.13 11.41 -11.72
CA TRP A 39 5.52 11.87 -11.62
C TRP A 39 5.58 13.24 -10.95
N GLY A 40 6.68 13.50 -10.26
CA GLY A 40 6.84 14.78 -9.58
C GLY A 40 7.30 15.87 -10.52
N SER A 41 7.42 17.09 -9.99
CA SER A 41 7.86 18.23 -10.79
C SER A 41 9.26 18.00 -11.34
N ALA A 42 10.13 17.43 -10.50
CA ALA A 42 11.51 17.16 -10.91
C ALA A 42 12.21 18.45 -11.34
N GLY A 43 11.76 19.57 -10.79
CA GLY A 43 12.35 20.85 -11.13
C GLY A 43 12.16 21.88 -10.03
N ALA A 44 10.89 22.23 -9.78
CA ALA A 44 10.57 23.21 -8.75
C ALA A 44 9.21 22.91 -8.13
N GLY A 45 9.04 23.28 -6.87
CA GLY A 45 7.79 23.05 -6.19
C GLY A 45 7.74 21.69 -5.52
N PHE A 46 7.93 20.64 -6.31
CA PHE A 46 7.90 19.27 -5.79
C PHE A 46 9.18 18.52 -6.16
N GLY A 47 9.68 17.70 -5.24
CA GLY A 47 10.88 16.94 -5.48
C GLY A 47 12.00 17.29 -4.51
N PRO A 48 12.38 18.57 -4.43
CA PRO A 48 13.45 19.02 -3.53
C PRO A 48 13.13 18.73 -2.07
N GLN A 49 14.16 18.43 -1.30
CA GLN A 49 13.99 18.13 0.12
C GLN A 49 13.39 19.31 0.88
N HIS A 50 13.53 20.51 0.31
CA HIS A 50 13.00 21.71 0.92
C HIS A 50 13.57 21.91 2.32
N GLU A 1 -15.09 6.58 20.50
CA GLU A 1 -15.96 5.55 21.14
C GLU A 1 -17.34 5.53 20.50
N TYR A 2 -18.17 4.58 20.92
CA TYR A 2 -19.52 4.44 20.39
C TYR A 2 -19.48 4.20 18.89
N HIS A 3 -20.65 3.98 18.30
CA HIS A 3 -20.76 3.73 16.86
C HIS A 3 -20.03 4.80 16.06
N LEU A 4 -19.91 5.98 16.65
CA LEU A 4 -19.24 7.09 15.99
C LEU A 4 -17.79 6.75 15.67
N MET A 5 -17.10 6.20 16.64
CA MET A 5 -15.69 5.84 16.46
C MET A 5 -15.31 4.58 17.23
N ASN A 6 -14.81 3.59 16.51
CA ASN A 6 -14.40 2.33 17.13
C ASN A 6 -15.54 1.71 17.93
N GLY A 7 -16.76 2.07 17.56
CA GLY A 7 -17.92 1.55 18.24
C GLY A 7 -18.03 0.04 18.15
N ALA A 8 -17.73 -0.50 16.98
CA ALA A 8 -17.80 -1.94 16.76
C ALA A 8 -16.78 -2.40 15.73
N ASN A 9 -16.35 -3.65 15.83
CA ASN A 9 -15.38 -4.22 14.91
C ASN A 9 -14.12 -3.35 14.85
N GLY A 10 -13.71 -2.84 16.01
CA GLY A 10 -12.53 -2.01 16.08
C GLY A 10 -11.27 -2.75 15.66
N TYR A 11 -11.16 -4.01 16.10
CA TYR A 11 -9.99 -4.83 15.77
C TYR A 11 -10.01 -5.22 14.30
N LEU A 12 -11.20 -5.32 13.74
CA LEU A 12 -11.37 -5.69 12.34
C LEU A 12 -10.68 -4.69 11.42
N THR A 13 -10.80 -3.41 11.75
CA THR A 13 -10.18 -2.36 10.93
C THR A 13 -8.66 -2.50 10.93
N ARG A 14 -8.08 -2.86 12.07
CA ARG A 14 -6.64 -3.03 12.17
C ARG A 14 -6.18 -4.16 11.25
N VAL A 15 -6.97 -5.22 11.21
CA VAL A 15 -6.65 -6.37 10.38
C VAL A 15 -6.65 -5.95 8.92
N ASN A 16 -7.63 -5.14 8.55
CA ASN A 16 -7.75 -4.64 7.18
C ASN A 16 -6.53 -3.81 6.80
N GLY A 17 -6.05 -3.02 7.74
CA GLY A 17 -4.90 -2.18 7.49
C GLY A 17 -3.67 -2.99 7.12
N LYS A 18 -3.49 -4.13 7.79
CA LYS A 18 -2.35 -4.99 7.52
C LYS A 18 -2.36 -5.49 6.08
N TYR A 19 -3.55 -5.83 5.59
CA TYR A 19 -3.69 -6.31 4.21
C TYR A 19 -3.37 -5.19 3.23
N VAL A 20 -3.80 -3.98 3.56
CA VAL A 20 -3.57 -2.82 2.71
C VAL A 20 -2.07 -2.57 2.55
N TYR A 21 -1.36 -2.64 3.66
CA TYR A 21 0.08 -2.42 3.66
C TYR A 21 0.78 -3.43 2.75
N ARG A 22 0.39 -4.70 2.87
CA ARG A 22 0.98 -5.76 2.07
C ARG A 22 0.81 -5.51 0.58
N VAL A 23 -0.39 -5.11 0.15
CA VAL A 23 -0.63 -4.87 -1.26
C VAL A 23 0.12 -3.63 -1.75
N THR A 24 0.36 -2.69 -0.83
CA THR A 24 1.08 -1.47 -1.18
C THR A 24 2.50 -1.79 -1.64
N LYS A 25 3.15 -2.70 -0.91
CA LYS A 25 4.51 -3.12 -1.22
C LYS A 25 4.57 -3.81 -2.59
N ASP A 26 3.53 -4.58 -2.90
CA ASP A 26 3.47 -5.30 -4.17
C ASP A 26 3.44 -4.34 -5.36
N PRO A 27 3.98 -4.77 -6.51
CA PRO A 27 4.02 -3.94 -7.73
C PRO A 27 2.63 -3.70 -8.33
N VAL A 28 1.66 -4.51 -7.92
CA VAL A 28 0.30 -4.37 -8.43
C VAL A 28 -0.26 -2.98 -8.11
N SER A 29 -0.04 -2.55 -6.87
CA SER A 29 -0.52 -1.24 -6.44
C SER A 29 0.48 -0.14 -6.80
N ALA A 30 1.72 -0.52 -7.05
CA ALA A 30 2.77 0.44 -7.40
C ALA A 30 2.43 1.16 -8.69
N VAL A 31 1.89 0.44 -9.66
CA VAL A 31 1.53 1.05 -10.93
C VAL A 31 0.44 2.08 -10.71
N PHE A 32 -0.47 1.78 -9.79
CA PHE A 32 -1.55 2.70 -9.49
C PHE A 32 -0.96 3.97 -8.88
N GLY A 33 0.03 3.76 -8.01
CA GLY A 33 0.69 4.88 -7.36
C GLY A 33 1.49 5.73 -8.33
N VAL A 34 2.24 5.10 -9.21
CA VAL A 34 3.06 5.82 -10.18
C VAL A 34 2.17 6.58 -11.15
N ILE A 35 1.17 5.88 -11.70
CA ILE A 35 0.26 6.49 -12.65
C ILE A 35 -0.55 7.62 -12.00
N SER A 36 -1.11 7.35 -10.82
CA SER A 36 -1.90 8.35 -10.11
C SER A 36 -1.06 9.55 -9.70
N ASN A 37 0.15 9.30 -9.23
CA ASN A 37 1.06 10.36 -8.82
C ASN A 37 1.43 11.25 -10.01
N GLY A 38 1.65 10.62 -11.15
CA GLY A 38 2.01 11.36 -12.35
C GLY A 38 3.51 11.47 -12.55
N TRP A 39 4.26 11.19 -11.49
CA TRP A 39 5.72 11.24 -11.56
C TRP A 39 6.33 10.01 -10.91
N GLY A 40 7.45 9.54 -11.47
CA GLY A 40 8.12 8.37 -10.94
C GLY A 40 8.60 8.58 -9.51
N SER A 41 9.12 9.77 -9.24
CA SER A 41 9.63 10.09 -7.91
C SER A 41 9.02 11.39 -7.40
N ALA A 42 9.59 12.50 -7.87
CA ALA A 42 9.13 13.83 -7.48
C ALA A 42 9.44 14.84 -8.59
N GLY A 43 9.33 14.39 -9.83
CA GLY A 43 9.61 15.26 -10.96
C GLY A 43 11.05 15.16 -11.44
N ALA A 44 11.89 14.48 -10.67
CA ALA A 44 13.29 14.32 -11.03
C ALA A 44 13.88 13.06 -10.41
N GLY A 45 14.90 12.50 -11.06
CA GLY A 45 15.54 11.30 -10.56
C GLY A 45 14.77 10.03 -10.91
N PHE A 46 13.62 9.86 -10.26
CA PHE A 46 12.79 8.68 -10.50
C PHE A 46 13.55 7.40 -10.16
N GLY A 47 14.45 7.51 -9.20
CA GLY A 47 15.24 6.36 -8.79
C GLY A 47 14.40 5.21 -8.25
N PRO A 48 13.48 5.45 -7.29
CA PRO A 48 12.64 4.39 -6.74
C PRO A 48 11.49 4.00 -7.66
N GLN A 49 11.06 2.75 -7.56
CA GLN A 49 9.97 2.24 -8.38
C GLN A 49 8.67 2.99 -8.06
N HIS A 50 8.45 3.26 -6.78
CA HIS A 50 7.25 3.96 -6.34
C HIS A 50 6.01 3.10 -6.55
N GLU A 1 -21.38 -23.40 21.57
CA GLU A 1 -20.58 -22.19 21.32
C GLU A 1 -21.16 -20.99 22.07
N TYR A 2 -20.33 -19.97 22.28
CA TYR A 2 -20.76 -18.77 22.99
C TYR A 2 -20.44 -17.51 22.18
N HIS A 3 -21.30 -16.51 22.30
CA HIS A 3 -21.12 -15.25 21.59
C HIS A 3 -19.85 -14.54 22.04
N LEU A 4 -19.57 -14.59 23.33
CA LEU A 4 -18.39 -13.95 23.89
C LEU A 4 -17.11 -14.75 23.60
N MET A 5 -17.26 -15.98 23.14
CA MET A 5 -16.11 -16.83 22.84
C MET A 5 -15.78 -16.85 21.35
N ASN A 6 -16.49 -17.69 20.61
CA ASN A 6 -16.28 -17.81 19.17
C ASN A 6 -17.20 -16.88 18.37
N GLY A 7 -18.07 -16.16 19.08
CA GLY A 7 -18.98 -15.25 18.41
C GLY A 7 -18.26 -14.17 17.62
N ALA A 8 -17.19 -13.64 18.21
CA ALA A 8 -16.42 -12.58 17.58
C ALA A 8 -15.77 -13.09 16.28
N ASN A 9 -15.70 -12.22 15.29
CA ASN A 9 -15.10 -12.57 14.00
C ASN A 9 -13.72 -11.95 13.85
N GLY A 10 -13.08 -11.70 14.98
CA GLY A 10 -11.76 -11.10 14.96
C GLY A 10 -10.74 -11.96 14.24
N TYR A 11 -10.83 -13.27 14.43
CA TYR A 11 -9.91 -14.20 13.79
C TYR A 11 -10.00 -14.10 12.27
N LEU A 12 -11.23 -14.11 11.76
CA LEU A 12 -11.45 -14.02 10.32
C LEU A 12 -10.94 -12.69 9.77
N THR A 13 -11.15 -11.61 10.52
CA THR A 13 -10.69 -10.30 10.08
C THR A 13 -9.17 -10.23 10.06
N ARG A 14 -8.54 -10.92 11.00
CA ARG A 14 -7.09 -10.94 11.09
C ARG A 14 -6.50 -11.54 9.81
N VAL A 15 -7.12 -12.62 9.33
CA VAL A 15 -6.68 -13.30 8.12
C VAL A 15 -6.77 -12.36 6.92
N ASN A 16 -7.84 -11.58 6.90
CA ASN A 16 -8.06 -10.64 5.81
C ASN A 16 -6.91 -9.65 5.71
N GLY A 17 -6.37 -9.27 6.87
CA GLY A 17 -5.26 -8.34 6.90
C GLY A 17 -4.07 -8.87 6.14
N LYS A 18 -3.83 -10.17 6.24
CA LYS A 18 -2.71 -10.80 5.56
C LYS A 18 -2.83 -10.62 4.05
N TYR A 19 -4.05 -10.74 3.54
CA TYR A 19 -4.31 -10.58 2.12
C TYR A 19 -3.99 -9.15 1.68
N VAL A 20 -4.37 -8.19 2.52
CA VAL A 20 -4.13 -6.78 2.22
C VAL A 20 -2.63 -6.50 2.11
N TYR A 21 -1.87 -7.05 3.04
CA TYR A 21 -0.43 -6.87 3.07
C TYR A 21 0.19 -7.38 1.76
N ARG A 22 -0.22 -8.57 1.36
CA ARG A 22 0.28 -9.18 0.14
C ARG A 22 -0.06 -8.33 -1.08
N VAL A 23 -1.28 -7.80 -1.11
CA VAL A 23 -1.72 -6.96 -2.21
C VAL A 23 -0.85 -5.72 -2.36
N THR A 24 -0.52 -5.10 -1.23
CA THR A 24 0.31 -3.90 -1.24
C THR A 24 1.69 -4.20 -1.82
N LYS A 25 2.25 -5.34 -1.43
CA LYS A 25 3.57 -5.75 -1.90
C LYS A 25 3.58 -6.02 -3.41
N ASP A 26 2.41 -6.32 -3.97
CA ASP A 26 2.32 -6.60 -5.41
C ASP A 26 2.66 -5.35 -6.23
N PRO A 27 3.23 -5.55 -7.43
CA PRO A 27 3.61 -4.43 -8.32
C PRO A 27 2.40 -3.68 -8.88
N VAL A 28 1.23 -4.31 -8.82
CA VAL A 28 0.01 -3.69 -9.34
C VAL A 28 -0.29 -2.40 -8.59
N SER A 29 -0.16 -2.44 -7.27
CA SER A 29 -0.41 -1.27 -6.44
C SER A 29 0.55 -0.14 -6.78
N ALA A 30 1.80 -0.49 -7.04
CA ALA A 30 2.82 0.49 -7.38
C ALA A 30 2.45 1.21 -8.66
N VAL A 31 1.90 0.47 -9.59
CA VAL A 31 1.49 1.03 -10.87
C VAL A 31 0.42 2.08 -10.66
N PHE A 32 -0.53 1.77 -9.78
CA PHE A 32 -1.59 2.73 -9.49
C PHE A 32 -0.98 3.97 -8.88
N GLY A 33 -0.01 3.78 -8.00
CA GLY A 33 0.66 4.89 -7.36
C GLY A 33 1.47 5.74 -8.33
N VAL A 34 2.21 5.08 -9.21
CA VAL A 34 3.04 5.78 -10.19
C VAL A 34 2.19 6.55 -11.18
N ILE A 35 1.17 5.89 -11.72
CA ILE A 35 0.28 6.53 -12.69
C ILE A 35 -0.56 7.62 -12.02
N SER A 36 -1.06 7.32 -10.83
CA SER A 36 -1.88 8.28 -10.08
C SER A 36 -1.07 9.50 -9.68
N ASN A 37 0.17 9.29 -9.28
CA ASN A 37 1.04 10.38 -8.88
C ASN A 37 2.00 10.79 -10.01
N GLY A 38 1.76 10.27 -11.21
CA GLY A 38 2.60 10.61 -12.35
C GLY A 38 2.58 12.09 -12.66
N TRP A 39 1.40 12.69 -12.60
CA TRP A 39 1.25 14.11 -12.88
C TRP A 39 1.59 14.41 -14.34
N GLY A 40 0.56 14.63 -15.16
CA GLY A 40 0.77 14.91 -16.57
C GLY A 40 1.39 16.27 -16.82
N SER A 41 1.39 17.14 -15.79
CA SER A 41 1.97 18.49 -15.89
C SER A 41 0.98 19.47 -16.53
N ALA A 42 0.38 19.08 -17.65
CA ALA A 42 -0.57 19.92 -18.35
C ALA A 42 0.13 21.09 -19.03
N GLY A 43 1.36 20.88 -19.47
CA GLY A 43 2.10 21.92 -20.15
C GLY A 43 3.13 22.63 -19.28
N ALA A 44 2.99 22.50 -17.96
CA ALA A 44 3.95 23.15 -17.05
C ALA A 44 3.67 22.84 -15.58
N GLY A 45 3.00 21.72 -15.33
CA GLY A 45 2.68 21.35 -13.96
C GLY A 45 3.69 20.38 -13.37
N PHE A 46 4.73 20.05 -14.12
CA PHE A 46 5.76 19.14 -13.66
C PHE A 46 6.97 19.88 -13.15
N GLY A 47 7.36 19.59 -11.91
CA GLY A 47 8.52 20.25 -11.32
C GLY A 47 9.18 19.41 -10.25
N PRO A 48 10.41 19.76 -9.87
CA PRO A 48 11.17 19.03 -8.85
C PRO A 48 10.59 19.23 -7.45
N GLN A 49 10.80 18.23 -6.58
CA GLN A 49 10.31 18.31 -5.21
C GLN A 49 10.97 19.44 -4.44
N HIS A 50 12.15 19.87 -4.90
CA HIS A 50 12.88 20.95 -4.25
C HIS A 50 12.85 22.21 -5.10
N GLU A 1 -10.99 -22.02 27.94
CA GLU A 1 -10.59 -20.62 27.62
C GLU A 1 -10.27 -20.47 26.14
N TYR A 2 -10.99 -19.57 25.47
CA TYR A 2 -10.80 -19.32 24.06
C TYR A 2 -11.18 -17.88 23.71
N HIS A 3 -10.72 -17.42 22.55
CA HIS A 3 -11.00 -16.06 22.09
C HIS A 3 -10.29 -15.04 22.96
N LEU A 4 -10.81 -14.82 24.16
CA LEU A 4 -10.22 -13.86 25.09
C LEU A 4 -8.82 -14.30 25.52
N MET A 5 -8.67 -15.59 25.73
CA MET A 5 -7.38 -16.16 26.15
C MET A 5 -6.59 -16.79 25.01
N ASN A 6 -7.02 -17.97 24.59
CA ASN A 6 -6.34 -18.68 23.50
C ASN A 6 -6.38 -17.86 22.22
N GLY A 7 -7.54 -17.27 21.95
CA GLY A 7 -7.70 -16.46 20.77
C GLY A 7 -7.88 -17.31 19.51
N ALA A 8 -9.13 -17.54 19.14
CA ALA A 8 -9.44 -18.33 17.96
C ALA A 8 -8.96 -17.64 16.68
N ASN A 9 -8.46 -18.42 15.74
CA ASN A 9 -7.97 -17.88 14.47
C ASN A 9 -6.93 -16.80 14.73
N GLY A 10 -6.09 -17.03 15.72
CA GLY A 10 -5.05 -16.08 16.05
C GLY A 10 -4.04 -15.89 14.92
N TYR A 11 -3.65 -16.99 14.29
CA TYR A 11 -2.70 -16.96 13.20
C TYR A 11 -3.32 -16.34 11.95
N LEU A 12 -4.64 -16.47 11.84
CA LEU A 12 -5.37 -15.94 10.70
C LEU A 12 -5.20 -14.43 10.60
N THR A 13 -5.24 -13.75 11.74
CA THR A 13 -5.09 -12.31 11.78
C THR A 13 -3.73 -11.88 11.22
N ARG A 14 -2.67 -12.57 11.63
CA ARG A 14 -1.33 -12.25 11.16
C ARG A 14 -1.23 -12.46 9.66
N VAL A 15 -1.83 -13.54 9.18
CA VAL A 15 -1.82 -13.86 7.76
C VAL A 15 -2.53 -12.78 6.97
N ASN A 16 -3.64 -12.29 7.50
CA ASN A 16 -4.42 -11.25 6.85
C ASN A 16 -3.61 -9.97 6.67
N GLY A 17 -2.84 -9.62 7.69
CA GLY A 17 -2.02 -8.42 7.62
C GLY A 17 -0.99 -8.47 6.51
N LYS A 18 -0.37 -9.64 6.35
CA LYS A 18 0.65 -9.84 5.32
C LYS A 18 0.05 -9.64 3.93
N TYR A 19 -1.17 -10.12 3.75
CA TYR A 19 -1.85 -10.00 2.45
C TYR A 19 -1.97 -8.53 2.05
N VAL A 20 -2.36 -7.69 2.99
CA VAL A 20 -2.51 -6.26 2.71
C VAL A 20 -1.20 -5.65 2.24
N TYR A 21 -0.10 -5.98 2.89
CA TYR A 21 1.20 -5.45 2.51
C TYR A 21 1.63 -6.00 1.15
N ARG A 22 1.23 -7.24 0.87
CA ARG A 22 1.57 -7.87 -0.40
C ARG A 22 1.03 -7.09 -1.58
N VAL A 23 -0.18 -6.55 -1.47
CA VAL A 23 -0.76 -5.80 -2.56
C VAL A 23 0.08 -4.56 -2.85
N THR A 24 0.64 -3.96 -1.80
CA THR A 24 1.47 -2.77 -1.96
C THR A 24 2.77 -3.09 -2.70
N LYS A 25 3.42 -4.18 -2.28
CA LYS A 25 4.68 -4.60 -2.90
C LYS A 25 4.49 -4.99 -4.37
N ASP A 26 3.37 -5.64 -4.65
CA ASP A 26 3.06 -6.07 -6.01
C ASP A 26 2.94 -4.87 -6.95
N PRO A 27 3.24 -5.07 -8.25
CA PRO A 27 3.17 -4.01 -9.25
C PRO A 27 1.76 -3.44 -9.42
N VAL A 28 0.77 -4.19 -8.95
CA VAL A 28 -0.62 -3.77 -9.05
C VAL A 28 -0.84 -2.46 -8.30
N SER A 29 -0.30 -2.37 -7.10
CA SER A 29 -0.41 -1.18 -6.28
C SER A 29 0.56 -0.07 -6.72
N ALA A 30 1.80 -0.47 -7.01
CA ALA A 30 2.83 0.47 -7.43
C ALA A 30 2.48 1.18 -8.73
N VAL A 31 1.90 0.46 -9.67
CA VAL A 31 1.51 1.05 -10.94
C VAL A 31 0.42 2.08 -10.71
N PHE A 32 -0.52 1.75 -9.82
CA PHE A 32 -1.60 2.65 -9.51
C PHE A 32 -1.02 3.93 -8.92
N GLY A 33 -0.10 3.76 -7.97
CA GLY A 33 0.55 4.89 -7.33
C GLY A 33 1.38 5.72 -8.28
N VAL A 34 2.16 5.06 -9.13
CA VAL A 34 3.00 5.77 -10.08
C VAL A 34 2.16 6.54 -11.09
N ILE A 35 1.18 5.86 -11.66
CA ILE A 35 0.30 6.49 -12.64
C ILE A 35 -0.50 7.63 -12.04
N SER A 36 -1.07 7.39 -10.86
CA SER A 36 -1.86 8.41 -10.17
C SER A 36 -1.00 9.61 -9.79
N ASN A 37 0.23 9.34 -9.36
CA ASN A 37 1.15 10.41 -8.97
C ASN A 37 1.47 11.30 -10.17
N GLY A 38 1.62 10.68 -11.34
CA GLY A 38 1.93 11.43 -12.55
C GLY A 38 3.14 10.89 -13.28
N TRP A 39 3.20 9.56 -13.42
CA TRP A 39 4.31 8.91 -14.10
C TRP A 39 5.64 9.23 -13.42
N GLY A 40 5.63 9.17 -12.08
CA GLY A 40 6.82 9.46 -11.32
C GLY A 40 7.36 10.85 -11.57
N SER A 41 8.65 10.95 -11.85
CA SER A 41 9.27 12.24 -12.12
C SER A 41 8.68 12.90 -13.35
N ALA A 42 8.38 12.09 -14.38
CA ALA A 42 7.80 12.58 -15.63
C ALA A 42 8.85 13.28 -16.49
N GLY A 43 10.04 12.68 -16.56
CA GLY A 43 11.11 13.25 -17.36
C GLY A 43 12.06 14.10 -16.54
N ALA A 44 11.61 14.52 -15.37
CA ALA A 44 12.43 15.35 -14.50
C ALA A 44 13.68 14.60 -14.05
N GLY A 45 13.51 13.31 -13.76
CA GLY A 45 14.63 12.49 -13.32
C GLY A 45 14.58 11.08 -13.89
N PHE A 46 13.39 10.65 -14.30
CA PHE A 46 13.22 9.31 -14.87
C PHE A 46 14.08 9.13 -16.11
N GLY A 47 14.77 8.00 -16.19
CA GLY A 47 15.62 7.74 -17.34
C GLY A 47 16.79 8.70 -17.43
N PRO A 48 17.59 8.83 -16.36
CA PRO A 48 18.75 9.72 -16.33
C PRO A 48 19.93 9.18 -17.13
N GLN A 49 19.76 9.09 -18.44
CA GLN A 49 20.81 8.59 -19.32
C GLN A 49 21.30 7.22 -18.85
N HIS A 50 20.37 6.36 -18.49
CA HIS A 50 20.71 5.02 -18.02
C HIS A 50 21.50 5.08 -16.72
#